data_9BYS
#
_entry.id   9BYS
#
_cell.length_a   111.350
_cell.length_b   111.350
_cell.length_c   206.460
_cell.angle_alpha   90.000
_cell.angle_beta   90.000
_cell.angle_gamma   90.000
#
_symmetry.space_group_name_H-M   'P 41 21 2'
#
loop_
_entity.id
_entity.type
_entity.pdbx_description
1 polymer 'Major histocompatibility complex class I-related gene protein'
2 polymer 'TCR beta chain'
3 polymer 'TCR alpha chain'
4 polymer Beta-2-microglobulin
5 non-polymer 1-deoxy-1-({2,6-dioxo-5-[(E)-(2-oxopropylidene)amino]-1,2,3,6-tetrahydropyrimidin-4-yl}amino)-D-ribitol
6 non-polymer GLYCEROL
7 water water
#
loop_
_entity_poly.entity_id
_entity_poly.type
_entity_poly.pdbx_seq_one_letter_code
_entity_poly.pdbx_strand_id
1 'polypeptide(L)'
;MRTHSLRYFRLGVSDPIHGVPEFISVGYVDSHPITTYDSVTRQKEPRAPWMAENLAPDHWERYTQLLRGWQQMFKVELKR
LQRHYNHSGSHTYQRMIGCELLEDGSTTGFLQYAYDGQDFLIFNKDTLSWLAVDNVAHTIKQAWEANQHELLYQKNWLEE
ECIAWLKRFLEYGKDTLQRTEPPLVRVNRKETFPGVTALFCKAHGFYPPEIYMTWMKNGEEIVQEIDYGDILPSGDGTYQ
AWASIELDPQSSNLYSCHVEHSGVHMVLQVP
;
A
2 'polypeptide(L)'
;MDVKVTQSSRYLVKRTGEKVFLECVQDMDHENMFWYRQDPGLGLRLIYFSYDVKMKEKGDIPEGYSVSREKKERFSLILE
SASTNQTSMYLCASSPPGPSNEQFFGPGTRLTVLEDLKNVFPPEVAVFEPSEAEISHTQKATLVCLATGFYPDHVELSWW
VNGKEVHSGVCTDPQPLKEQPALNDSRYALSSRLRVSATFWQNPRNHFRCQVQFYGLSENDEWTQDRAKPVTQIVSAEAW
GRAD
;
AAAB
3 'polypeptide(L)'
;MGQNIDQPTEMTATEGAIVQINCTYQTSGFNGLFWYQQHAGEAPTFLSYNVLDGLEEKGRFSSFLSRSKGYSYLLLKELQ
MKDSASYLCAVMDSNYQLIWGAGTKLIIKPDIQNPDPAVYQLRDSKSSDKSVCLFTDFDSQTNVSQSKDSDVYITDKCVL
DMRSMDFKSNSAVAWSNKSDFACANAFNNSIIPEDTFFPSPESS
;
AAAC
4 'polypeptide(L)'
;MIQRTPKIQVYSRHPAENGKSNFLNCYVSGFHPSDIEVDLLKNGERIEKVEHSDLSFSKDWSFYLLYYTEFTPTEKDEYA
CRVNHVTLSQPKIVKWDRDM
;
AAAD
#
# COMPACT_ATOMS: atom_id res chain seq x y z
N MET A 1 -12.52 -9.06 26.52
CA MET A 1 -13.30 -9.02 25.28
C MET A 1 -13.65 -10.42 24.79
N ARG A 2 -14.65 -10.47 23.91
CA ARG A 2 -15.05 -11.68 23.23
C ARG A 2 -14.39 -11.72 21.85
N THR A 3 -14.81 -12.67 21.02
CA THR A 3 -14.24 -12.78 19.68
C THR A 3 -14.77 -11.66 18.79
N HIS A 4 -13.85 -10.92 18.17
CA HIS A 4 -14.20 -9.86 17.23
C HIS A 4 -13.53 -10.13 15.90
N SER A 5 -14.03 -9.48 14.84
CA SER A 5 -13.50 -9.70 13.51
C SER A 5 -13.52 -8.41 12.71
N LEU A 6 -12.55 -8.29 11.80
CA LEU A 6 -12.52 -7.20 10.84
C LEU A 6 -12.34 -7.79 9.45
N ARG A 7 -13.17 -7.38 8.49
CA ARG A 7 -13.06 -7.94 7.15
CA ARG A 7 -13.05 -7.93 7.15
C ARG A 7 -13.55 -6.92 6.12
N TYR A 8 -12.89 -6.92 4.96
CA TYR A 8 -13.24 -6.06 3.84
C TYR A 8 -13.67 -6.92 2.66
N PHE A 9 -14.75 -6.49 2.00
CA PHE A 9 -15.28 -7.12 0.81
C PHE A 9 -15.12 -6.19 -0.38
N ARG A 10 -14.84 -6.79 -1.55
CA ARG A 10 -14.84 -6.10 -2.83
C ARG A 10 -15.69 -6.87 -3.81
N LEU A 11 -16.45 -6.14 -4.62
CA LEU A 11 -17.38 -6.71 -5.59
C LEU A 11 -17.28 -5.94 -6.90
N GLY A 12 -17.24 -6.67 -8.01
CA GLY A 12 -17.17 -6.05 -9.32
C GLY A 12 -18.08 -6.73 -10.34
N VAL A 13 -18.77 -5.93 -11.15
CA VAL A 13 -19.70 -6.42 -12.16
C VAL A 13 -19.20 -5.94 -13.53
N SER A 14 -19.33 -6.81 -14.53
CA SER A 14 -18.78 -6.50 -15.85
C SER A 14 -19.69 -5.56 -16.65
N ASP A 15 -20.97 -5.93 -16.81
CA ASP A 15 -21.94 -5.10 -17.53
C ASP A 15 -23.03 -4.68 -16.54
N PRO A 16 -22.75 -3.71 -15.67
CA PRO A 16 -23.74 -3.33 -14.66
C PRO A 16 -24.88 -2.54 -15.26
N ILE A 17 -26.07 -2.71 -14.69
CA ILE A 17 -27.22 -1.91 -15.07
C ILE A 17 -27.01 -0.50 -14.55
N HIS A 18 -27.81 0.45 -15.03
CA HIS A 18 -27.56 1.85 -14.72
C HIS A 18 -27.56 2.12 -13.21
N GLY A 19 -28.41 1.41 -12.46
CA GLY A 19 -28.49 1.58 -11.04
C GLY A 19 -27.53 0.78 -10.20
N VAL A 20 -26.66 -0.01 -10.84
CA VAL A 20 -25.72 -0.89 -10.14
C VAL A 20 -24.31 -0.38 -10.40
N PRO A 21 -23.49 -0.20 -9.37
CA PRO A 21 -22.11 0.25 -9.59
C PRO A 21 -21.25 -0.85 -10.19
N GLU A 22 -20.14 -0.43 -10.81
CA GLU A 22 -19.19 -1.38 -11.37
C GLU A 22 -18.26 -1.97 -10.31
N PHE A 23 -18.05 -1.27 -9.20
CA PHE A 23 -17.16 -1.75 -8.15
C PHE A 23 -17.66 -1.21 -6.81
N ILE A 24 -17.71 -2.08 -5.81
CA ILE A 24 -18.10 -1.72 -4.45
C ILE A 24 -17.11 -2.34 -3.48
N SER A 25 -16.81 -1.63 -2.40
CA SER A 25 -15.94 -2.18 -1.36
C SER A 25 -16.41 -1.71 0.00
N VAL A 26 -16.66 -2.65 0.90
CA VAL A 26 -17.25 -2.35 2.20
C VAL A 26 -16.46 -3.08 3.28
N GLY A 27 -16.16 -2.37 4.36
CA GLY A 27 -15.47 -2.94 5.51
C GLY A 27 -16.42 -3.14 6.67
N TYR A 28 -16.19 -4.19 7.45
CA TYR A 28 -17.03 -4.54 8.59
C TYR A 28 -16.14 -4.82 9.80
N VAL A 29 -16.49 -4.22 10.93
CA VAL A 29 -16.18 -4.81 12.21
C VAL A 29 -17.47 -5.55 12.58
N ASP A 30 -17.42 -6.36 13.65
CA ASP A 30 -18.08 -7.67 13.63
C ASP A 30 -19.27 -7.77 12.69
N SER A 31 -20.29 -6.93 12.85
CA SER A 31 -21.44 -6.99 11.98
C SER A 31 -21.90 -5.64 11.48
N HIS A 32 -21.26 -4.58 11.93
CA HIS A 32 -21.43 -3.19 11.55
C HIS A 32 -20.49 -2.86 10.41
N PRO A 33 -21.03 -2.38 9.29
CA PRO A 33 -20.20 -1.73 8.28
C PRO A 33 -19.58 -0.46 8.85
N ILE A 34 -18.32 -0.22 8.48
CA ILE A 34 -17.56 0.90 9.02
C ILE A 34 -17.04 1.77 7.88
N THR A 35 -16.87 1.17 6.70
CA THR A 35 -16.35 1.87 5.54
C THR A 35 -17.16 1.46 4.32
N THR A 36 -17.12 2.32 3.30
CA THR A 36 -17.81 2.03 2.05
C THR A 36 -17.13 2.77 0.92
N TYR A 37 -17.22 2.20 -0.28
CA TYR A 37 -16.62 2.77 -1.48
C TYR A 37 -17.27 2.13 -2.70
N ASP A 38 -17.54 2.95 -3.71
CA ASP A 38 -18.08 2.46 -4.96
C ASP A 38 -17.51 3.28 -6.11
N SER A 39 -17.68 2.75 -7.33
CA SER A 39 -17.17 3.42 -8.53
C SER A 39 -17.94 4.69 -8.87
N VAL A 40 -19.11 4.89 -8.28
CA VAL A 40 -19.87 6.11 -8.53
C VAL A 40 -19.30 7.28 -7.72
N THR A 41 -19.16 7.10 -6.41
CA THR A 41 -18.63 8.17 -5.57
C THR A 41 -17.12 8.32 -5.71
N ARG A 42 -16.41 7.21 -5.91
CA ARG A 42 -14.95 7.21 -6.00
C ARG A 42 -14.30 7.81 -4.76
N GLN A 43 -14.98 7.69 -3.62
CA GLN A 43 -14.47 8.20 -2.35
C GLN A 43 -14.77 7.18 -1.26
N LYS A 44 -13.79 6.95 -0.39
CA LYS A 44 -14.01 6.11 0.79
C LYS A 44 -14.67 6.93 1.88
N GLU A 45 -15.76 6.42 2.43
CA GLU A 45 -16.56 7.15 3.39
C GLU A 45 -16.89 6.27 4.60
N PRO A 46 -17.05 6.89 5.78
CA PRO A 46 -17.41 6.10 6.96
C PRO A 46 -18.85 5.63 6.92
N ARG A 47 -19.10 4.49 7.58
CA ARG A 47 -20.45 3.98 7.78
C ARG A 47 -20.80 3.86 9.25
N ALA A 48 -20.07 4.57 10.11
CA ALA A 48 -20.34 4.60 11.54
C ALA A 48 -19.77 5.91 12.07
N PRO A 49 -20.46 6.57 13.02
CA PRO A 49 -19.94 7.84 13.53
C PRO A 49 -18.59 7.71 14.21
N TRP A 50 -18.37 6.63 14.95
CA TRP A 50 -17.10 6.45 15.66
C TRP A 50 -15.93 6.21 14.72
N MET A 51 -16.19 5.93 13.45
CA MET A 51 -15.12 5.85 12.46
C MET A 51 -14.74 7.24 11.95
N ALA A 52 -15.73 8.04 11.61
CA ALA A 52 -15.46 9.40 11.12
C ALA A 52 -14.87 10.28 12.20
N GLU A 53 -15.27 10.08 13.46
CA GLU A 53 -14.81 10.97 14.52
C GLU A 53 -13.36 10.71 14.91
N ASN A 54 -12.90 9.46 14.80
CA ASN A 54 -11.59 9.08 15.29
C ASN A 54 -10.56 8.86 14.19
N LEU A 55 -10.85 9.28 12.95
CA LEU A 55 -9.92 9.11 11.85
C LEU A 55 -9.71 10.44 11.15
N ALA A 56 -8.44 10.83 10.99
CA ALA A 56 -8.10 12.07 10.33
C ALA A 56 -8.43 11.98 8.84
N PRO A 57 -8.61 13.13 8.18
CA PRO A 57 -8.91 13.09 6.73
C PRO A 57 -7.84 12.42 5.90
N ASP A 58 -6.58 12.45 6.35
CA ASP A 58 -5.50 11.82 5.58
C ASP A 58 -5.77 10.34 5.37
N HIS A 59 -6.34 9.67 6.38
CA HIS A 59 -6.69 8.26 6.25
C HIS A 59 -7.62 8.03 5.07
N TRP A 60 -8.72 8.79 5.03
CA TRP A 60 -9.70 8.61 3.96
C TRP A 60 -9.11 8.97 2.61
N GLU A 61 -8.28 10.02 2.55
CA GLU A 61 -7.67 10.40 1.28
C GLU A 61 -6.77 9.28 0.74
N ARG A 62 -5.85 8.79 1.57
CA ARG A 62 -4.90 7.78 1.12
C ARG A 62 -5.62 6.50 0.72
N TYR A 63 -6.59 6.07 1.53
CA TYR A 63 -7.30 4.84 1.19
C TYR A 63 -8.27 5.02 0.03
N THR A 64 -8.70 6.26 -0.26
CA THR A 64 -9.44 6.49 -1.49
C THR A 64 -8.54 6.32 -2.72
N GLN A 65 -7.31 6.85 -2.65
CA GLN A 65 -6.35 6.57 -3.71
C GLN A 65 -6.18 5.06 -3.89
N LEU A 66 -5.96 4.35 -2.79
CA LEU A 66 -5.75 2.91 -2.85
C LEU A 66 -6.97 2.20 -3.43
N LEU A 67 -8.17 2.64 -3.06
CA LEU A 67 -9.38 1.99 -3.56
C LEU A 67 -9.60 2.24 -5.04
N ARG A 68 -9.22 3.42 -5.54
CA ARG A 68 -9.26 3.64 -6.99
C ARG A 68 -8.33 2.66 -7.70
N GLY A 69 -7.11 2.50 -7.18
CA GLY A 69 -6.20 1.52 -7.76
C GLY A 69 -6.75 0.10 -7.72
N TRP A 70 -7.35 -0.27 -6.58
CA TRP A 70 -7.90 -1.61 -6.43
C TRP A 70 -9.08 -1.84 -7.36
N GLN A 71 -9.91 -0.81 -7.56
CA GLN A 71 -11.00 -0.89 -8.51
C GLN A 71 -10.50 -1.15 -9.92
N GLN A 72 -9.42 -0.45 -10.31
CA GLN A 72 -8.83 -0.69 -11.63
C GLN A 72 -8.32 -2.13 -11.74
N MET A 73 -7.60 -2.60 -10.72
CA MET A 73 -7.11 -3.97 -10.74
C MET A 73 -8.26 -4.97 -10.85
N PHE A 74 -9.36 -4.70 -10.14
CA PHE A 74 -10.52 -5.59 -10.19
C PHE A 74 -11.13 -5.64 -11.57
N LYS A 75 -11.25 -4.48 -12.23
CA LYS A 75 -11.78 -4.47 -13.59
C LYS A 75 -10.91 -5.30 -14.52
N VAL A 76 -9.59 -5.10 -14.45
CA VAL A 76 -8.68 -5.84 -15.33
C VAL A 76 -8.76 -7.34 -15.05
N GLU A 77 -8.77 -7.73 -13.78
CA GLU A 77 -8.78 -9.15 -13.44
C GLU A 77 -10.10 -9.81 -13.84
N LEU A 78 -11.22 -9.10 -13.68
CA LEU A 78 -12.50 -9.65 -14.11
C LEU A 78 -12.52 -9.86 -15.62
N LYS A 79 -12.02 -8.88 -16.38
CA LYS A 79 -11.95 -9.04 -17.83
C LYS A 79 -11.06 -10.23 -18.20
N ARG A 80 -9.93 -10.39 -17.50
CA ARG A 80 -9.03 -11.50 -17.80
C ARG A 80 -9.67 -12.84 -17.49
N LEU A 81 -10.39 -12.94 -16.38
CA LEU A 81 -11.07 -14.20 -16.05
C LEU A 81 -12.15 -14.51 -17.08
N GLN A 82 -12.91 -13.50 -17.52
CA GLN A 82 -13.90 -13.75 -18.56
C GLN A 82 -13.23 -14.19 -19.86
N ARG A 83 -12.07 -13.62 -20.17
CA ARG A 83 -11.33 -14.06 -21.35
C ARG A 83 -10.90 -15.52 -21.22
N HIS A 84 -10.45 -15.92 -20.03
CA HIS A 84 -10.05 -17.31 -19.83
C HIS A 84 -11.24 -18.25 -19.95
N TYR A 85 -12.39 -17.88 -19.38
CA TYR A 85 -13.57 -18.74 -19.40
C TYR A 85 -14.35 -18.68 -20.71
N ASN A 86 -13.95 -17.83 -21.65
CA ASN A 86 -14.72 -17.59 -22.88
C ASN A 86 -16.15 -17.18 -22.53
N HIS A 87 -16.27 -16.27 -21.57
CA HIS A 87 -17.56 -15.79 -21.08
C HIS A 87 -17.84 -14.39 -21.59
N SER A 88 -19.10 -14.14 -21.94
CA SER A 88 -19.55 -12.84 -22.39
C SER A 88 -20.73 -12.39 -21.54
N GLY A 89 -21.02 -11.10 -21.59
CA GLY A 89 -22.12 -10.55 -20.83
C GLY A 89 -21.68 -10.02 -19.47
N SER A 90 -22.51 -10.24 -18.45
CA SER A 90 -22.25 -9.74 -17.11
C SER A 90 -21.82 -10.88 -16.20
N HIS A 91 -20.74 -10.65 -15.45
CA HIS A 91 -20.25 -11.61 -14.48
C HIS A 91 -19.73 -10.86 -13.26
N THR A 92 -19.68 -11.55 -12.13
CA THR A 92 -19.30 -10.95 -10.86
C THR A 92 -17.95 -11.49 -10.39
N TYR A 93 -17.23 -10.63 -9.68
CA TYR A 93 -15.91 -10.96 -9.14
C TYR A 93 -15.86 -10.43 -7.72
N GLN A 94 -15.54 -11.30 -6.76
CA GLN A 94 -15.61 -10.92 -5.35
C GLN A 94 -14.30 -11.26 -4.65
N ARG A 95 -13.99 -10.45 -3.63
CA ARG A 95 -12.82 -10.65 -2.79
C ARG A 95 -13.20 -10.41 -1.34
N MET A 96 -12.69 -11.25 -0.44
CA MET A 96 -12.85 -10.99 0.98
C MET A 96 -11.53 -11.21 1.69
N ILE A 97 -11.12 -10.23 2.49
CA ILE A 97 -9.93 -10.34 3.33
C ILE A 97 -10.34 -10.00 4.75
N GLY A 98 -9.66 -10.57 5.73
CA GLY A 98 -10.01 -10.25 7.09
C GLY A 98 -9.27 -11.09 8.11
N CYS A 99 -9.61 -10.82 9.37
CA CYS A 99 -8.98 -11.47 10.51
C CYS A 99 -9.94 -11.49 11.68
N GLU A 100 -9.63 -12.38 12.63
CA GLU A 100 -10.42 -12.60 13.83
C GLU A 100 -9.50 -12.61 15.04
N LEU A 101 -9.87 -11.87 16.08
CA LEU A 101 -9.19 -11.87 17.36
C LEU A 101 -10.13 -12.50 18.38
N LEU A 102 -9.72 -13.64 18.94
CA LEU A 102 -10.60 -14.48 19.74
C LEU A 102 -10.54 -14.09 21.22
N GLU A 103 -11.27 -14.84 22.04
CA GLU A 103 -11.30 -14.56 23.47
C GLU A 103 -9.97 -14.86 24.14
N ASP A 104 -9.34 -15.99 23.79
CA ASP A 104 -8.06 -16.36 24.37
C ASP A 104 -6.88 -15.60 23.78
N GLY A 105 -7.13 -14.64 22.89
CA GLY A 105 -6.08 -13.83 22.32
C GLY A 105 -5.48 -14.36 21.03
N SER A 106 -5.82 -15.58 20.64
CA SER A 106 -5.31 -16.12 19.38
C SER A 106 -5.92 -15.39 18.19
N THR A 107 -5.22 -15.42 17.07
CA THR A 107 -5.62 -14.71 15.87
C THR A 107 -5.79 -15.68 14.71
N THR A 108 -6.75 -15.36 13.84
CA THR A 108 -6.90 -16.05 12.57
C THR A 108 -6.97 -15.03 11.45
N GLY A 109 -6.57 -15.44 10.25
CA GLY A 109 -6.59 -14.54 9.11
C GLY A 109 -6.97 -15.30 7.85
N PHE A 110 -7.57 -14.57 6.91
CA PHE A 110 -8.10 -15.21 5.72
C PHE A 110 -8.17 -14.22 4.58
N LEU A 111 -8.00 -14.75 3.36
CA LEU A 111 -8.12 -14.00 2.12
C LEU A 111 -8.58 -14.94 1.02
N GLN A 112 -9.55 -14.51 0.22
CA GLN A 112 -10.04 -15.36 -0.84
C GLN A 112 -10.75 -14.55 -1.91
N TYR A 113 -10.78 -15.12 -3.12
CA TYR A 113 -11.44 -14.56 -4.28
C TYR A 113 -12.45 -15.55 -4.82
N ALA A 114 -13.55 -15.03 -5.36
CA ALA A 114 -14.63 -15.82 -5.94
C ALA A 114 -15.01 -15.25 -7.30
N TYR A 115 -15.46 -16.13 -8.19
CA TYR A 115 -15.92 -15.75 -9.52
C TYR A 115 -17.34 -16.28 -9.70
N ASP A 116 -18.28 -15.36 -9.98
CA ASP A 116 -19.70 -15.69 -10.16
C ASP A 116 -20.25 -16.45 -8.95
N GLY A 117 -19.92 -15.99 -7.75
CA GLY A 117 -20.49 -16.55 -6.53
C GLY A 117 -20.00 -17.93 -6.16
N GLN A 118 -18.77 -18.27 -6.52
CA GLN A 118 -18.20 -19.57 -6.16
C GLN A 118 -16.72 -19.40 -5.87
N ASP A 119 -16.24 -20.14 -4.86
CA ASP A 119 -14.84 -20.07 -4.46
C ASP A 119 -13.92 -20.25 -5.65
N PHE A 120 -13.03 -19.28 -5.86
CA PHE A 120 -12.08 -19.30 -6.96
C PHE A 120 -10.65 -19.52 -6.49
N LEU A 121 -10.21 -18.77 -5.48
CA LEU A 121 -8.85 -18.89 -4.96
C LEU A 121 -8.85 -18.64 -3.46
N ILE A 122 -8.26 -19.55 -2.70
CA ILE A 122 -8.24 -19.45 -1.24
C ILE A 122 -6.78 -19.34 -0.79
N PHE A 123 -6.42 -18.24 -0.16
CA PHE A 123 -5.04 -18.06 0.29
C PHE A 123 -4.79 -18.87 1.57
N ASN A 124 -3.68 -19.61 1.57
CA ASN A 124 -3.20 -20.31 2.76
C ASN A 124 -1.95 -19.58 3.22
N LYS A 125 -2.07 -18.88 4.36
CA LYS A 125 -0.97 -18.09 4.88
C LYS A 125 0.03 -18.90 5.69
N ASP A 126 -0.30 -20.14 6.04
CA ASP A 126 0.68 -20.99 6.73
C ASP A 126 1.64 -21.63 5.74
N THR A 127 1.10 -22.21 4.67
CA THR A 127 1.91 -22.79 3.61
C THR A 127 2.29 -21.77 2.55
N LEU A 128 1.77 -20.54 2.65
CA LEU A 128 2.06 -19.47 1.70
C LEU A 128 1.76 -19.89 0.27
N SER A 129 0.51 -20.30 0.05
CA SER A 129 0.10 -20.77 -1.27
C SER A 129 -1.32 -20.32 -1.56
N TRP A 130 -1.78 -20.63 -2.76
CA TRP A 130 -3.15 -20.37 -3.17
C TRP A 130 -3.79 -21.68 -3.60
N LEU A 131 -4.92 -22.01 -2.99
CA LEU A 131 -5.71 -23.16 -3.40
C LEU A 131 -6.60 -22.75 -4.56
N ALA A 132 -6.49 -23.47 -5.67
CA ALA A 132 -7.22 -23.21 -6.90
C ALA A 132 -8.28 -24.30 -7.09
N VAL A 133 -9.44 -23.89 -7.60
CA VAL A 133 -10.57 -24.82 -7.73
C VAL A 133 -10.70 -25.42 -9.13
N ASP A 134 -10.17 -24.76 -10.16
CA ASP A 134 -10.24 -25.28 -11.52
C ASP A 134 -8.96 -24.86 -12.25
N ASN A 135 -8.96 -25.01 -13.58
CA ASN A 135 -7.76 -24.78 -14.36
C ASN A 135 -7.46 -23.29 -14.51
N VAL A 136 -8.49 -22.47 -14.70
CA VAL A 136 -8.29 -21.02 -14.77
C VAL A 136 -7.68 -20.51 -13.46
N ALA A 137 -8.23 -20.98 -12.33
CA ALA A 137 -7.67 -20.63 -11.04
C ALA A 137 -6.25 -21.15 -10.90
N HIS A 138 -5.94 -22.29 -11.53
CA HIS A 138 -4.56 -22.80 -11.48
C HIS A 138 -3.61 -21.89 -12.26
N THR A 139 -4.07 -21.36 -13.39
CA THR A 139 -3.26 -20.39 -14.13
C THR A 139 -3.00 -19.15 -13.28
N ILE A 140 -4.06 -18.64 -12.63
CA ILE A 140 -3.89 -17.46 -11.79
C ILE A 140 -3.01 -17.77 -10.59
N LYS A 141 -3.08 -19.00 -10.06
CA LYS A 141 -2.23 -19.40 -8.95
C LYS A 141 -0.77 -19.42 -9.36
N GLN A 142 -0.47 -20.01 -10.52
CA GLN A 142 0.90 -19.97 -11.03
C GLN A 142 1.38 -18.54 -11.22
N ALA A 143 0.47 -17.66 -11.65
CA ALA A 143 0.84 -16.25 -11.81
C ALA A 143 1.16 -15.60 -10.47
N TRP A 144 0.32 -15.83 -9.46
CA TRP A 144 0.47 -15.14 -8.18
C TRP A 144 1.57 -15.75 -7.32
N GLU A 145 1.72 -17.08 -7.35
CA GLU A 145 2.75 -17.72 -6.54
C GLU A 145 4.16 -17.39 -7.02
N ALA A 146 4.31 -16.81 -8.21
CA ALA A 146 5.61 -16.36 -8.67
C ALA A 146 6.09 -15.11 -7.93
N ASN A 147 5.17 -14.37 -7.31
CA ASN A 147 5.50 -13.14 -6.57
C ASN A 147 5.57 -13.51 -5.09
N GLN A 148 6.74 -13.97 -4.65
CA GLN A 148 6.91 -14.41 -3.26
C GLN A 148 6.75 -13.25 -2.29
N HIS A 149 7.30 -12.08 -2.63
CA HIS A 149 7.22 -10.93 -1.74
C HIS A 149 5.77 -10.56 -1.46
N GLU A 150 4.89 -10.71 -2.45
CA GLU A 150 3.47 -10.41 -2.23
C GLU A 150 2.84 -11.39 -1.24
N LEU A 151 3.19 -12.68 -1.33
CA LEU A 151 2.66 -13.64 -0.37
C LEU A 151 3.15 -13.33 1.04
N LEU A 152 4.43 -12.97 1.17
CA LEU A 152 4.94 -12.58 2.48
C LEU A 152 4.23 -11.33 3.01
N TYR A 153 3.99 -10.36 2.13
CA TYR A 153 3.25 -9.17 2.54
C TYR A 153 1.84 -9.53 3.02
N GLN A 154 1.16 -10.42 2.30
CA GLN A 154 -0.17 -10.84 2.71
C GLN A 154 -0.14 -11.50 4.07
N LYS A 155 0.84 -12.37 4.30
CA LYS A 155 0.96 -13.01 5.61
C LYS A 155 1.12 -11.98 6.71
N ASN A 156 2.07 -11.05 6.52
CA ASN A 156 2.32 -10.05 7.56
C ASN A 156 1.09 -9.17 7.80
N TRP A 157 0.37 -8.81 6.75
CA TRP A 157 -0.81 -7.97 6.93
C TRP A 157 -1.91 -8.73 7.67
N LEU A 158 -2.17 -9.98 7.28
CA LEU A 158 -3.23 -10.74 7.92
C LEU A 158 -2.91 -11.01 9.39
N GLU A 159 -1.64 -11.25 9.71
CA GLU A 159 -1.30 -11.65 11.07
C GLU A 159 -0.97 -10.48 11.98
N GLU A 160 -0.49 -9.36 11.45
CA GLU A 160 -0.04 -8.25 12.27
C GLU A 160 -0.86 -6.98 12.05
N GLU A 161 -1.01 -6.55 10.80
CA GLU A 161 -1.67 -5.27 10.55
C GLU A 161 -3.17 -5.35 10.77
N CYS A 162 -3.80 -6.46 10.36
CA CYS A 162 -5.24 -6.58 10.47
C CYS A 162 -5.67 -6.60 11.93
N ILE A 163 -4.93 -7.29 12.80
CA ILE A 163 -5.26 -7.33 14.21
C ILE A 163 -5.10 -5.96 14.84
N ALA A 164 -4.06 -5.23 14.44
CA ALA A 164 -3.87 -3.86 14.93
C ALA A 164 -5.05 -2.97 14.55
N TRP A 165 -5.47 -3.05 13.28
CA TRP A 165 -6.63 -2.28 12.84
C TRP A 165 -7.88 -2.68 13.63
N LEU A 166 -8.05 -3.98 13.88
CA LEU A 166 -9.22 -4.45 14.61
C LEU A 166 -9.25 -3.88 16.02
N LYS A 167 -8.11 -3.92 16.72
CA LYS A 167 -8.07 -3.37 18.07
C LYS A 167 -8.31 -1.87 18.07
N ARG A 168 -7.72 -1.16 17.10
CA ARG A 168 -7.92 0.28 17.00
C ARG A 168 -9.39 0.62 16.79
N PHE A 169 -10.04 -0.06 15.86
CA PHE A 169 -11.46 0.18 15.59
C PHE A 169 -12.33 -0.23 16.79
N LEU A 170 -11.95 -1.30 17.50
CA LEU A 170 -12.70 -1.70 18.68
C LEU A 170 -12.65 -0.62 19.75
N GLU A 171 -11.47 -0.02 19.95
CA GLU A 171 -11.41 1.10 20.88
C GLU A 171 -12.19 2.31 20.35
N TYR A 172 -12.22 2.49 19.04
CA TYR A 172 -13.00 3.60 18.47
C TYR A 172 -14.49 3.40 18.73
N GLY A 173 -14.98 2.17 18.59
CA GLY A 173 -16.39 1.88 18.80
C GLY A 173 -16.66 1.08 20.07
N LYS A 174 -15.97 1.44 21.15
CA LYS A 174 -16.07 0.68 22.39
C LYS A 174 -17.49 0.67 22.93
N ASP A 175 -18.16 1.82 22.91
CA ASP A 175 -19.51 1.91 23.46
C ASP A 175 -20.55 1.20 22.63
N THR A 176 -20.22 0.81 21.39
CA THR A 176 -21.13 0.08 20.53
C THR A 176 -20.74 -1.38 20.36
N LEU A 177 -19.48 -1.64 20.01
CA LEU A 177 -19.05 -2.99 19.70
C LEU A 177 -18.87 -3.85 20.96
N GLN A 178 -18.58 -3.23 22.10
CA GLN A 178 -18.27 -3.98 23.31
C GLN A 178 -19.34 -3.85 24.39
N ARG A 179 -20.49 -3.25 24.07
CA ARG A 179 -21.60 -3.18 25.00
C ARG A 179 -22.31 -4.53 25.06
N THR A 180 -23.15 -4.69 26.08
CA THR A 180 -24.01 -5.86 26.22
C THR A 180 -25.43 -5.40 26.50
N GLU A 181 -26.37 -5.82 25.66
CA GLU A 181 -27.78 -5.57 25.90
C GLU A 181 -28.47 -6.90 26.18
N PRO A 182 -28.88 -7.17 27.42
CA PRO A 182 -29.50 -8.47 27.72
C PRO A 182 -30.82 -8.61 26.98
N PRO A 183 -31.22 -9.83 26.65
CA PRO A 183 -32.46 -10.03 25.89
C PRO A 183 -33.68 -10.01 26.80
N LEU A 184 -34.84 -9.77 26.17
CA LEU A 184 -36.13 -9.95 26.79
C LEU A 184 -36.76 -11.22 26.21
N VAL A 185 -37.11 -12.16 27.09
CA VAL A 185 -37.54 -13.49 26.69
C VAL A 185 -38.93 -13.76 27.24
N ARG A 186 -39.79 -14.34 26.40
CA ARG A 186 -41.17 -14.62 26.75
C ARG A 186 -41.58 -15.97 26.17
N VAL A 187 -42.70 -16.49 26.68
CA VAL A 187 -43.24 -17.77 26.25
C VAL A 187 -44.66 -17.57 25.75
N ASN A 188 -44.93 -18.02 24.52
CA ASN A 188 -46.25 -17.95 23.92
C ASN A 188 -46.74 -19.36 23.63
N ARG A 189 -48.06 -19.52 23.64
CA ARG A 189 -48.70 -20.77 23.27
C ARG A 189 -49.58 -20.53 22.05
N LYS A 190 -49.45 -21.40 21.05
CA LYS A 190 -50.17 -21.26 19.80
C LYS A 190 -50.88 -22.55 19.46
N GLU A 191 -51.99 -22.44 18.73
CA GLU A 191 -52.76 -23.58 18.28
C GLU A 191 -52.48 -23.82 16.81
N THR A 192 -52.02 -25.02 16.47
CA THR A 192 -51.64 -25.37 15.10
C THR A 192 -52.46 -26.58 14.65
N PHE A 193 -52.98 -26.50 13.42
CA PHE A 193 -53.74 -27.58 12.81
C PHE A 193 -54.92 -28.02 13.68
N VAL A 196 -53.26 -29.00 17.49
CA VAL A 196 -52.29 -29.22 18.54
C VAL A 196 -51.77 -27.88 19.07
N THR A 197 -51.11 -27.92 20.22
CA THR A 197 -50.56 -26.74 20.86
C THR A 197 -49.04 -26.75 20.77
N ALA A 198 -48.46 -25.55 20.67
CA ALA A 198 -47.02 -25.38 20.53
C ALA A 198 -46.55 -24.24 21.41
N LEU A 199 -45.31 -24.35 21.88
CA LEU A 199 -44.69 -23.35 22.75
C LEU A 199 -43.58 -22.64 22.01
N PHE A 200 -43.62 -21.31 22.04
CA PHE A 200 -42.62 -20.46 21.42
C PHE A 200 -41.88 -19.68 22.50
N CYS A 201 -40.54 -19.75 22.47
CA CYS A 201 -39.69 -18.96 23.34
C CYS A 201 -39.10 -17.85 22.48
N LYS A 202 -39.55 -16.61 22.73
CA LYS A 202 -39.20 -15.47 21.91
C LYS A 202 -38.26 -14.56 22.69
N ALA A 203 -37.08 -14.29 22.13
CA ALA A 203 -36.12 -13.38 22.73
C ALA A 203 -35.88 -12.22 21.77
N HIS A 204 -35.82 -11.01 22.30
CA HIS A 204 -35.63 -9.84 21.44
C HIS A 204 -34.92 -8.73 22.20
N GLY A 205 -34.32 -7.81 21.43
CA GLY A 205 -33.74 -6.61 22.00
C GLY A 205 -32.37 -6.77 22.59
N PHE A 206 -31.53 -7.62 21.99
CA PHE A 206 -30.23 -7.96 22.59
C PHE A 206 -29.09 -7.70 21.61
N TYR A 207 -27.90 -7.53 22.20
CA TYR A 207 -26.64 -7.35 21.49
C TYR A 207 -25.58 -7.99 22.38
N PRO A 208 -24.61 -8.72 21.83
CA PRO A 208 -24.35 -9.01 20.40
C PRO A 208 -25.31 -10.05 19.82
N PRO A 209 -25.33 -10.21 18.49
CA PRO A 209 -26.29 -11.15 17.89
C PRO A 209 -26.15 -12.58 18.37
N GLU A 210 -24.94 -13.01 18.71
CA GLU A 210 -24.71 -14.40 19.06
C GLU A 210 -25.49 -14.78 20.31
N ILE A 211 -26.29 -15.84 20.20
CA ILE A 211 -27.17 -16.26 21.29
C ILE A 211 -27.42 -17.76 21.15
N TYR A 212 -27.88 -18.38 22.22
CA TYR A 212 -28.23 -19.80 22.22
C TYR A 212 -29.60 -19.99 22.86
N MET A 213 -30.49 -20.71 22.18
CA MET A 213 -31.81 -21.00 22.70
C MET A 213 -32.16 -22.45 22.49
N THR A 214 -32.80 -23.05 23.48
CA THR A 214 -33.20 -24.45 23.38
C THR A 214 -34.37 -24.70 24.33
N TRP A 215 -34.98 -25.88 24.17
CA TRP A 215 -36.06 -26.33 25.05
C TRP A 215 -35.63 -27.63 25.72
N MET A 216 -36.11 -27.83 26.95
CA MET A 216 -35.78 -29.03 27.69
C MET A 216 -37.01 -29.57 28.41
N LYS A 217 -37.19 -30.88 28.34
CA LYS A 217 -38.28 -31.56 29.02
C LYS A 217 -37.76 -32.17 30.32
N ASN A 218 -38.49 -31.95 31.40
CA ASN A 218 -38.12 -32.41 32.74
C ASN A 218 -36.76 -31.91 33.19
N GLY A 219 -36.28 -30.82 32.60
CA GLY A 219 -35.10 -30.14 33.08
C GLY A 219 -33.77 -30.74 32.68
N GLU A 220 -33.72 -32.05 32.46
CA GLU A 220 -32.45 -32.74 32.25
C GLU A 220 -32.25 -33.25 30.83
N GLU A 221 -33.26 -33.21 29.98
CA GLU A 221 -33.15 -33.74 28.63
C GLU A 221 -33.55 -32.68 27.61
N ILE A 222 -32.86 -32.66 26.48
CA ILE A 222 -33.15 -31.74 25.40
C ILE A 222 -34.16 -32.41 24.45
N VAL A 223 -35.26 -31.72 24.19
CA VAL A 223 -36.34 -32.28 23.38
C VAL A 223 -35.93 -32.28 21.91
N GLN A 224 -36.68 -33.01 21.09
CA GLN A 224 -36.42 -33.13 19.66
C GLN A 224 -37.47 -32.35 18.87
N GLU A 225 -37.25 -32.28 17.56
CA GLU A 225 -38.13 -31.58 16.62
C GLU A 225 -38.34 -30.12 17.04
N ILE A 226 -37.23 -29.45 17.37
CA ILE A 226 -37.25 -28.04 17.71
C ILE A 226 -37.11 -27.22 16.43
N ASP A 227 -37.95 -26.22 16.28
CA ASP A 227 -37.84 -25.27 15.18
C ASP A 227 -37.17 -24.00 15.69
N TYR A 228 -36.15 -23.55 14.98
CA TYR A 228 -35.39 -22.37 15.39
C TYR A 228 -35.64 -21.23 14.41
N GLY A 229 -35.78 -20.02 14.95
CA GLY A 229 -35.88 -18.82 14.14
C GLY A 229 -34.52 -18.16 14.04
N ASP A 230 -34.24 -17.60 12.86
CA ASP A 230 -32.95 -16.99 12.61
C ASP A 230 -32.75 -15.75 13.49
N ILE A 231 -31.47 -15.44 13.75
CA ILE A 231 -31.11 -14.23 14.48
C ILE A 231 -31.19 -13.07 13.50
N LEU A 232 -32.23 -12.26 13.62
CA LEU A 232 -32.51 -11.21 12.65
C LEU A 232 -32.33 -9.83 13.28
N PRO A 233 -31.82 -8.86 12.52
CA PRO A 233 -31.68 -7.51 13.06
C PRO A 233 -33.04 -6.82 13.17
N SER A 234 -33.34 -6.30 14.36
CA SER A 234 -34.61 -5.63 14.58
C SER A 234 -34.65 -4.25 13.95
N GLY A 235 -33.49 -3.64 13.71
CA GLY A 235 -33.40 -2.35 13.06
C GLY A 235 -32.83 -1.25 13.93
N ASP A 236 -32.90 -1.38 15.25
CA ASP A 236 -32.38 -0.38 16.17
C ASP A 236 -31.02 -0.76 16.75
N GLY A 237 -30.33 -1.71 16.11
CA GLY A 237 -29.05 -2.18 16.60
C GLY A 237 -29.13 -3.43 17.46
N THR A 238 -30.32 -3.85 17.85
CA THR A 238 -30.51 -5.08 18.59
C THR A 238 -31.00 -6.18 17.66
N TYR A 239 -31.08 -7.39 18.20
CA TYR A 239 -31.44 -8.57 17.42
C TYR A 239 -32.53 -9.36 18.14
N GLN A 240 -33.13 -10.30 17.40
CA GLN A 240 -34.24 -11.08 17.92
C GLN A 240 -34.18 -12.49 17.32
N ALA A 241 -34.74 -13.44 18.04
CA ALA A 241 -34.81 -14.84 17.59
C ALA A 241 -35.80 -15.58 18.48
N TRP A 242 -35.97 -16.88 18.21
CA TRP A 242 -36.95 -17.67 18.94
C TRP A 242 -36.68 -19.15 18.73
N ALA A 243 -37.28 -19.97 19.59
CA ALA A 243 -37.24 -21.42 19.48
C ALA A 243 -38.58 -21.99 19.89
N SER A 244 -39.16 -22.82 19.02
CA SER A 244 -40.49 -23.36 19.24
C SER A 244 -40.45 -24.88 19.24
N ILE A 245 -41.32 -25.47 20.07
CA ILE A 245 -41.52 -26.91 20.11
C ILE A 245 -43.02 -27.20 20.09
N GLU A 246 -43.36 -28.44 19.82
CA GLU A 246 -44.73 -28.91 19.73
C GLU A 246 -44.98 -29.96 20.80
N LEU A 247 -46.08 -29.80 21.55
CA LEU A 247 -46.44 -30.76 22.58
C LEU A 247 -47.85 -31.30 22.38
N GLN A 250 -49.19 -35.63 22.07
CA GLN A 250 -49.51 -34.94 23.31
C GLN A 250 -49.14 -35.78 24.53
N SER A 251 -48.30 -35.21 25.39
CA SER A 251 -47.88 -35.87 26.62
C SER A 251 -47.68 -34.81 27.69
N SER A 252 -47.84 -35.21 28.95
CA SER A 252 -47.75 -34.29 30.08
C SER A 252 -46.31 -34.29 30.59
N ASN A 253 -45.51 -33.35 30.08
CA ASN A 253 -44.14 -33.15 30.52
C ASN A 253 -44.01 -31.76 31.15
N LEU A 254 -42.84 -31.51 31.72
CA LEU A 254 -42.47 -30.19 32.24
C LEU A 254 -41.41 -29.61 31.30
N TYR A 255 -41.81 -28.64 30.49
CA TYR A 255 -40.93 -28.01 29.53
C TYR A 255 -40.39 -26.70 30.08
N SER A 256 -39.17 -26.36 29.67
CA SER A 256 -38.54 -25.12 30.09
C SER A 256 -37.63 -24.63 28.98
N CYS A 257 -37.69 -23.32 28.73
CA CYS A 257 -36.84 -22.68 27.73
C CYS A 257 -35.53 -22.24 28.37
N HIS A 258 -34.42 -22.49 27.69
CA HIS A 258 -33.10 -22.12 28.16
C HIS A 258 -32.46 -21.20 27.13
N VAL A 259 -32.04 -20.02 27.59
CA VAL A 259 -31.44 -18.99 26.75
C VAL A 259 -30.10 -18.61 27.37
N GLU A 260 -29.01 -18.86 26.65
CA GLU A 260 -27.70 -18.41 27.06
C GLU A 260 -27.24 -17.28 26.15
N HIS A 261 -26.81 -16.19 26.77
CA HIS A 261 -26.40 -15.01 26.02
C HIS A 261 -25.34 -14.25 26.79
N SER A 262 -24.20 -13.99 26.14
CA SER A 262 -23.13 -13.17 26.69
C SER A 262 -22.75 -13.61 28.10
N GLY A 263 -22.55 -14.91 28.26
CA GLY A 263 -22.12 -15.44 29.53
C GLY A 263 -23.17 -15.44 30.63
N VAL A 264 -24.44 -15.28 30.28
CA VAL A 264 -25.54 -15.32 31.24
C VAL A 264 -26.51 -16.41 30.82
N HIS A 265 -26.81 -17.31 31.76
CA HIS A 265 -27.77 -18.38 31.53
CA HIS A 265 -27.77 -18.39 31.55
C HIS A 265 -29.13 -17.97 32.09
N MET A 266 -30.18 -18.27 31.34
CA MET A 266 -31.53 -17.88 31.70
C MET A 266 -32.47 -19.05 31.48
N VAL A 267 -33.33 -19.32 32.46
CA VAL A 267 -34.24 -20.45 32.39
C VAL A 267 -35.66 -19.97 32.69
N LEU A 268 -36.59 -20.26 31.78
CA LEU A 268 -38.00 -19.97 31.96
C LEU A 268 -38.76 -21.30 32.00
N GLN A 269 -39.24 -21.68 33.18
CA GLN A 269 -40.05 -22.87 33.33
C GLN A 269 -41.51 -22.53 33.10
N VAL A 270 -42.21 -23.38 32.38
CA VAL A 270 -43.62 -23.13 32.04
C VAL A 270 -44.48 -24.22 32.64
N PRO A 271 -45.63 -23.88 33.25
CA PRO A 271 -46.59 -24.85 33.77
C PRO A 271 -47.67 -25.22 32.76
N LYS B 4 15.95 -0.30 -19.64
CA LYS B 4 14.57 -0.51 -19.21
C LYS B 4 13.81 0.82 -19.15
N VAL B 5 13.94 1.52 -18.03
CA VAL B 5 13.29 2.80 -17.84
C VAL B 5 14.26 3.91 -18.21
N THR B 6 13.81 4.84 -19.05
CA THR B 6 14.64 5.94 -19.50
C THR B 6 13.92 7.26 -19.28
N GLN B 7 14.72 8.33 -19.21
CA GLN B 7 14.20 9.68 -19.00
C GLN B 7 14.71 10.61 -20.09
N SER B 8 14.52 11.91 -19.90
CA SER B 8 15.06 12.92 -20.80
C SER B 8 16.55 13.10 -20.49
N SER B 9 17.13 14.19 -21.02
CA SER B 9 18.56 14.42 -20.87
C SER B 9 18.95 14.46 -19.39
N ARG B 10 20.12 13.87 -19.09
CA ARG B 10 20.56 13.75 -17.70
C ARG B 10 20.93 15.10 -17.08
N TYR B 11 21.15 16.14 -17.89
CA TYR B 11 21.42 17.48 -17.40
C TYR B 11 20.55 18.48 -18.14
N LEU B 12 20.10 19.50 -17.42
CA LEU B 12 19.22 20.51 -18.00
C LEU B 12 19.45 21.84 -17.31
N VAL B 13 19.66 22.89 -18.09
CA VAL B 13 19.82 24.24 -17.58
C VAL B 13 18.63 25.06 -18.06
N LYS B 14 17.86 25.61 -17.12
CA LYS B 14 16.65 26.35 -17.44
C LYS B 14 16.60 27.62 -16.60
N ARG B 15 16.06 28.68 -17.20
CA ARG B 15 15.88 29.95 -16.51
C ARG B 15 14.56 29.95 -15.74
N THR B 16 14.53 30.72 -14.66
CA THR B 16 13.34 30.79 -13.81
C THR B 16 12.17 31.39 -14.58
N GLY B 17 10.98 30.82 -14.36
CA GLY B 17 9.78 31.25 -15.06
C GLY B 17 9.47 30.49 -16.33
N GLU B 18 10.21 29.43 -16.63
CA GLU B 18 10.06 28.68 -17.87
C GLU B 18 9.23 27.43 -17.63
N LYS B 19 8.56 26.98 -18.69
CA LYS B 19 7.74 25.76 -18.64
C LYS B 19 8.62 24.59 -19.02
N VAL B 20 8.99 23.76 -18.05
CA VAL B 20 9.93 22.66 -18.24
C VAL B 20 9.15 21.36 -18.41
N PHE B 21 9.61 20.53 -19.35
CA PHE B 21 8.99 19.24 -19.63
C PHE B 21 10.02 18.14 -19.36
N LEU B 22 9.80 17.37 -18.29
CA LEU B 22 10.59 16.20 -18.00
C LEU B 22 9.82 14.95 -18.40
N GLU B 23 10.54 13.96 -18.92
CA GLU B 23 9.92 12.77 -19.48
C GLU B 23 10.40 11.51 -18.74
N CYS B 24 9.60 10.46 -18.84
CA CYS B 24 9.91 9.16 -18.23
C CYS B 24 9.25 8.10 -19.08
N VAL B 25 10.04 7.33 -19.80
CA VAL B 25 9.55 6.31 -20.73
C VAL B 25 10.04 4.95 -20.27
N GLN B 26 9.13 3.99 -20.16
CA GLN B 26 9.46 2.62 -19.81
C GLN B 26 8.78 1.67 -20.79
N ASP B 27 9.51 0.64 -21.20
CA ASP B 27 9.01 -0.36 -22.13
C ASP B 27 8.60 -1.64 -21.44
N MET B 28 8.47 -1.62 -20.11
CA MET B 28 8.18 -2.81 -19.33
C MET B 28 6.69 -3.01 -19.09
N ASP B 29 5.84 -2.22 -19.75
CA ASP B 29 4.38 -2.35 -19.65
C ASP B 29 3.92 -2.23 -18.20
N HIS B 30 4.49 -1.28 -17.48
CA HIS B 30 4.20 -1.09 -16.07
C HIS B 30 3.05 -0.10 -15.87
N GLU B 31 2.20 -0.38 -14.88
CA GLU B 31 1.07 0.49 -14.58
C GLU B 31 1.51 1.68 -13.74
N ASN B 32 2.07 1.40 -12.56
CA ASN B 32 2.45 2.47 -11.64
C ASN B 32 3.71 3.17 -12.14
N MET B 33 3.67 4.50 -12.13
CA MET B 33 4.82 5.33 -12.48
C MET B 33 4.95 6.44 -11.45
N PHE B 34 6.19 6.84 -11.18
CA PHE B 34 6.48 7.74 -10.08
C PHE B 34 7.40 8.87 -10.55
N TRP B 35 7.40 9.96 -9.79
CA TRP B 35 8.32 11.08 -10.00
C TRP B 35 8.81 11.54 -8.64
N TYR B 36 10.09 11.30 -8.36
CA TYR B 36 10.72 11.73 -7.13
C TYR B 36 11.66 12.90 -7.38
N ARG B 37 12.04 13.59 -6.31
CA ARG B 37 13.12 14.56 -6.35
C ARG B 37 14.04 14.28 -5.17
N GLN B 38 15.34 14.27 -5.43
CA GLN B 38 16.35 13.88 -4.46
C GLN B 38 17.16 15.11 -4.07
N ASP B 39 17.00 15.56 -2.83
CA ASP B 39 17.70 16.70 -2.28
C ASP B 39 18.74 16.25 -1.25
N PRO B 40 19.80 17.03 -1.06
CA PRO B 40 20.84 16.62 -0.10
C PRO B 40 20.29 16.52 1.32
N GLY B 41 20.74 15.49 2.03
CA GLY B 41 20.32 15.27 3.41
C GLY B 41 18.92 14.74 3.57
N LEU B 42 18.17 14.57 2.48
CA LEU B 42 16.81 14.08 2.52
C LEU B 42 16.69 12.85 1.65
N GLY B 43 15.75 11.97 2.02
CA GLY B 43 15.43 10.84 1.19
C GLY B 43 14.61 11.25 -0.01
N LEU B 44 14.27 10.26 -0.83
CA LEU B 44 13.41 10.50 -1.97
C LEU B 44 12.06 11.02 -1.49
N ARG B 45 11.50 11.95 -2.26
CA ARG B 45 10.20 12.54 -1.93
C ARG B 45 9.30 12.46 -3.15
N LEU B 46 8.11 11.88 -2.97
CA LEU B 46 7.20 11.68 -4.09
C LEU B 46 6.55 12.99 -4.49
N ILE B 47 6.65 13.33 -5.76
CA ILE B 47 6.04 14.55 -6.29
C ILE B 47 4.64 14.21 -6.79
N TYR B 48 4.56 13.33 -7.79
CA TYR B 48 3.30 12.87 -8.33
C TYR B 48 3.41 11.37 -8.61
N PHE B 49 2.26 10.71 -8.61
CA PHE B 49 2.21 9.27 -8.81
C PHE B 49 0.99 8.93 -9.67
N SER B 50 1.19 8.06 -10.65
CA SER B 50 0.15 7.66 -11.58
C SER B 50 -0.03 6.15 -11.48
N TYR B 51 -1.26 5.71 -11.21
CA TYR B 51 -1.52 4.28 -11.14
C TYR B 51 -1.62 3.65 -12.51
N ASP B 52 -2.22 4.35 -13.47
CA ASP B 52 -2.44 3.79 -14.80
C ASP B 52 -2.62 4.96 -15.78
N VAL B 53 -3.09 4.65 -16.99
CA VAL B 53 -3.30 5.67 -18.00
C VAL B 53 -4.44 6.58 -17.59
N LYS B 54 -4.29 7.87 -17.87
CA LYS B 54 -5.29 8.90 -17.56
C LYS B 54 -5.61 8.95 -16.07
N MET B 55 -4.73 8.43 -15.22
CA MET B 55 -4.90 8.44 -13.78
C MET B 55 -3.70 9.13 -13.15
N LYS B 56 -3.96 10.10 -12.27
CA LYS B 56 -2.90 10.83 -11.61
C LYS B 56 -3.35 11.21 -10.21
N GLU B 57 -2.52 10.95 -9.22
CA GLU B 57 -2.77 11.31 -7.84
C GLU B 57 -1.59 12.12 -7.32
N LYS B 58 -1.89 13.19 -6.59
CA LYS B 58 -0.83 14.05 -6.08
C LYS B 58 -0.03 13.32 -5.00
N GLY B 59 1.27 13.57 -4.96
CA GLY B 59 2.15 12.91 -4.01
C GLY B 59 2.31 13.67 -2.71
N ASP B 60 3.51 13.66 -2.16
CA ASP B 60 3.78 14.36 -0.90
C ASP B 60 4.12 15.83 -1.09
N ILE B 61 4.68 16.20 -2.24
CA ILE B 61 5.01 17.59 -2.53
C ILE B 61 4.56 17.95 -3.94
N PRO B 62 3.26 18.12 -4.17
CA PRO B 62 2.76 18.44 -5.51
C PRO B 62 2.65 19.93 -5.81
N GLU B 63 3.05 20.80 -4.88
CA GLU B 63 2.91 22.23 -5.09
C GLU B 63 3.90 22.69 -6.16
N GLY B 64 3.39 23.43 -7.14
CA GLY B 64 4.23 23.88 -8.25
C GLY B 64 4.59 22.81 -9.25
N TYR B 65 3.91 21.66 -9.21
CA TYR B 65 4.18 20.56 -10.12
C TYR B 65 2.88 20.07 -10.75
N SER B 66 3.00 19.53 -11.95
CA SER B 66 1.88 18.93 -12.66
C SER B 66 2.40 17.82 -13.55
N VAL B 67 1.55 16.84 -13.84
CA VAL B 67 1.91 15.69 -14.66
C VAL B 67 0.77 15.37 -15.62
N SER B 68 1.06 14.51 -16.58
CA SER B 68 0.07 14.01 -17.52
C SER B 68 0.48 12.62 -17.95
N ARG B 69 -0.44 11.66 -17.84
CA ARG B 69 -0.20 10.28 -18.22
C ARG B 69 -1.16 9.94 -19.35
N GLU B 70 -0.76 10.24 -20.58
CA GLU B 70 -1.57 9.95 -21.75
C GLU B 70 -1.28 8.57 -22.32
N LYS B 71 -0.01 8.28 -22.56
CA LYS B 71 0.43 6.95 -22.96
C LYS B 71 0.90 6.18 -21.73
N LYS B 72 0.78 4.84 -21.80
CA LYS B 72 1.21 4.01 -20.69
C LYS B 72 2.70 4.11 -20.45
N GLU B 73 3.50 4.15 -21.52
CA GLU B 73 4.95 4.17 -21.36
C GLU B 73 5.47 5.53 -20.91
N ARG B 74 4.79 6.62 -21.26
CA ARG B 74 5.31 7.96 -21.03
C ARG B 74 4.61 8.60 -19.84
N PHE B 75 5.40 9.10 -18.90
CA PHE B 75 4.90 9.83 -17.73
C PHE B 75 5.63 11.18 -17.71
N SER B 76 4.93 12.24 -18.09
CA SER B 76 5.54 13.56 -18.23
C SER B 76 5.36 14.36 -16.95
N LEU B 77 6.44 15.03 -16.54
CA LEU B 77 6.43 15.91 -15.38
C LEU B 77 6.52 17.35 -15.86
N ILE B 78 5.51 18.16 -15.53
CA ILE B 78 5.36 19.52 -16.03
C ILE B 78 5.67 20.49 -14.91
N LEU B 79 6.62 21.39 -15.16
CA LEU B 79 6.93 22.49 -14.25
C LEU B 79 6.32 23.76 -14.84
N GLU B 80 5.24 24.24 -14.23
CA GLU B 80 4.52 25.37 -14.80
C GLU B 80 5.33 26.64 -14.72
N SER B 81 5.77 27.01 -13.51
CA SER B 81 6.60 28.18 -13.29
C SER B 81 7.86 27.74 -12.56
N ALA B 82 8.98 27.72 -13.27
CA ALA B 82 10.23 27.27 -12.68
C ALA B 82 10.68 28.21 -11.56
N SER B 83 11.14 27.62 -10.47
CA SER B 83 11.60 28.37 -9.30
C SER B 83 13.00 27.91 -8.91
N THR B 84 13.69 28.75 -8.14
CA THR B 84 15.01 28.38 -7.65
C THR B 84 14.92 27.19 -6.69
N ASN B 85 13.82 27.07 -5.96
CA ASN B 85 13.64 25.93 -5.05
C ASN B 85 13.51 24.61 -5.81
N GLN B 86 13.14 24.66 -7.09
CA GLN B 86 12.95 23.46 -7.89
C GLN B 86 14.25 22.95 -8.51
N THR B 87 15.40 23.38 -7.97
CA THR B 87 16.69 22.82 -8.38
C THR B 87 16.94 21.55 -7.59
N SER B 88 16.94 20.41 -8.28
CA SER B 88 17.05 19.13 -7.60
C SER B 88 17.40 18.05 -8.61
N MET B 89 17.71 16.86 -8.10
CA MET B 89 17.88 15.66 -8.90
C MET B 89 16.52 14.98 -9.02
N TYR B 90 16.03 14.88 -10.26
CA TYR B 90 14.69 14.34 -10.52
C TYR B 90 14.80 12.89 -10.98
N LEU B 91 14.23 11.98 -10.21
CA LEU B 91 14.21 10.56 -10.50
C LEU B 91 12.78 10.10 -10.73
N CYS B 92 12.58 9.28 -11.75
CA CYS B 92 11.29 8.65 -11.99
C CYS B 92 11.43 7.15 -11.87
N ALA B 93 10.29 6.48 -11.65
CA ALA B 93 10.30 5.05 -11.46
C ALA B 93 9.00 4.47 -12.00
N SER B 94 9.04 3.18 -12.35
CA SER B 94 7.88 2.44 -12.78
C SER B 94 7.86 1.08 -12.09
N SER B 95 6.66 0.53 -11.92
CA SER B 95 6.53 -0.76 -11.27
C SER B 95 5.13 -1.35 -11.51
N PRO B 96 4.98 -2.67 -11.45
CA PRO B 96 3.64 -3.25 -11.49
C PRO B 96 2.86 -2.90 -10.24
N PRO B 97 1.54 -3.07 -10.25
CA PRO B 97 0.76 -2.80 -9.03
C PRO B 97 1.12 -3.76 -7.92
N GLY B 98 1.12 -3.25 -6.69
CA GLY B 98 1.43 -4.06 -5.53
C GLY B 98 2.31 -3.33 -4.55
N PRO B 99 1.99 -3.46 -3.25
CA PRO B 99 2.78 -2.76 -2.24
C PRO B 99 4.16 -3.37 -2.00
N SER B 100 4.37 -4.63 -2.38
CA SER B 100 5.63 -5.31 -2.15
C SER B 100 6.53 -5.35 -3.38
N ASN B 101 6.09 -4.79 -4.50
CA ASN B 101 6.88 -4.84 -5.72
C ASN B 101 7.90 -3.71 -5.75
N GLU B 102 9.12 -4.04 -6.18
CA GLU B 102 10.17 -3.03 -6.27
C GLU B 102 9.94 -2.12 -7.47
N GLN B 103 10.62 -0.99 -7.45
CA GLN B 103 10.50 0.02 -8.48
C GLN B 103 11.78 0.06 -9.32
N PHE B 104 11.61 0.38 -10.60
CA PHE B 104 12.72 0.46 -11.56
C PHE B 104 12.89 1.92 -11.94
N PHE B 105 14.03 2.50 -11.57
CA PHE B 105 14.27 3.92 -11.74
C PHE B 105 14.95 4.23 -13.07
N GLY B 106 14.66 5.41 -13.60
CA GLY B 106 15.35 5.91 -14.76
C GLY B 106 16.67 6.54 -14.39
N PRO B 107 17.44 6.92 -15.42
CA PRO B 107 18.80 7.45 -15.17
C PRO B 107 18.83 8.70 -14.30
N GLY B 108 17.74 9.45 -14.23
CA GLY B 108 17.73 10.65 -13.41
C GLY B 108 18.13 11.88 -14.20
N THR B 109 17.55 13.02 -13.81
CA THR B 109 17.77 14.28 -14.50
C THR B 109 18.16 15.34 -13.48
N ARG B 110 19.34 15.91 -13.63
CA ARG B 110 19.82 16.99 -12.79
C ARG B 110 19.38 18.32 -13.40
N LEU B 111 18.55 19.06 -12.68
CA LEU B 111 17.99 20.33 -13.15
C LEU B 111 18.45 21.45 -12.22
N THR B 112 19.25 22.37 -12.75
CA THR B 112 19.70 23.54 -12.02
C THR B 112 18.98 24.77 -12.56
N VAL B 113 18.36 25.53 -11.66
CA VAL B 113 17.61 26.72 -12.05
C VAL B 113 18.23 27.97 -11.44
N LYS B 118 22.48 32.54 -17.98
CA LYS B 118 22.64 33.65 -17.06
C LYS B 118 24.09 33.76 -16.57
N ASN B 119 24.52 32.74 -15.85
CA ASN B 119 25.87 32.69 -15.28
C ASN B 119 26.69 31.52 -15.80
N VAL B 120 26.12 30.66 -16.65
CA VAL B 120 26.82 29.47 -17.09
C VAL B 120 28.07 29.85 -17.87
N PHE B 121 29.16 29.13 -17.59
CA PHE B 121 30.44 29.30 -18.29
C PHE B 121 31.02 27.90 -18.54
N PRO B 122 31.58 27.67 -19.72
CA PRO B 122 32.05 26.32 -20.06
C PRO B 122 33.30 25.95 -19.28
N PRO B 123 33.63 24.67 -19.20
CA PRO B 123 34.86 24.27 -18.51
C PRO B 123 36.10 24.58 -19.32
N GLU B 124 37.19 24.80 -18.60
CA GLU B 124 38.52 24.96 -19.19
C GLU B 124 39.34 23.74 -18.80
N VAL B 125 39.77 22.97 -19.81
CA VAL B 125 40.39 21.68 -19.60
C VAL B 125 41.90 21.80 -19.82
N ALA B 126 42.65 20.95 -19.12
CA ALA B 126 44.10 20.90 -19.26
C ALA B 126 44.60 19.55 -18.80
N VAL B 127 45.80 19.20 -19.25
CA VAL B 127 46.48 17.96 -18.86
C VAL B 127 47.84 18.33 -18.28
N PHE B 128 48.14 17.80 -17.10
CA PHE B 128 49.39 18.07 -16.40
C PHE B 128 50.22 16.78 -16.41
N GLU B 129 51.26 16.76 -17.25
CA GLU B 129 52.07 15.57 -17.44
C GLU B 129 52.83 15.24 -16.15
N PRO B 130 53.24 13.95 -15.99
CA PRO B 130 54.02 13.51 -14.83
C PRO B 130 55.24 14.38 -14.54
N GLN B 139 56.42 5.48 -9.37
CA GLN B 139 57.27 4.54 -10.08
C GLN B 139 56.61 4.07 -11.38
N LYS B 140 55.56 4.77 -11.80
CA LYS B 140 54.84 4.42 -13.02
C LYS B 140 54.14 5.69 -13.54
N ALA B 141 53.35 5.53 -14.59
CA ALA B 141 52.67 6.67 -15.20
C ALA B 141 51.60 7.23 -14.27
N THR B 142 51.62 8.54 -14.07
CA THR B 142 50.62 9.22 -13.24
C THR B 142 50.23 10.51 -13.97
N LEU B 143 49.19 10.43 -14.79
CA LEU B 143 48.69 11.57 -15.54
C LEU B 143 47.48 12.17 -14.83
N VAL B 144 47.30 13.48 -15.00
CA VAL B 144 46.21 14.20 -14.36
C VAL B 144 45.54 15.11 -15.39
N CYS B 145 44.22 15.03 -15.48
CA CYS B 145 43.43 15.97 -16.24
C CYS B 145 42.67 16.86 -15.26
N LEU B 146 42.38 18.09 -15.69
CA LEU B 146 41.79 19.06 -14.78
C LEU B 146 40.92 20.03 -15.55
N ALA B 147 39.68 20.21 -15.08
CA ALA B 147 38.75 21.18 -15.67
C ALA B 147 38.37 22.19 -14.59
N THR B 148 38.34 23.46 -14.98
CA THR B 148 38.04 24.54 -14.04
C THR B 148 36.99 25.47 -14.63
N GLY B 149 36.31 26.20 -13.74
CA GLY B 149 35.49 27.31 -14.17
C GLY B 149 34.15 26.95 -14.77
N PHE B 150 33.78 25.67 -14.79
CA PHE B 150 32.47 25.32 -15.32
C PHE B 150 31.38 25.69 -14.33
N TYR B 151 30.19 25.96 -14.88
CA TYR B 151 29.03 26.31 -14.08
C TYR B 151 27.77 26.09 -14.90
N PRO B 152 26.80 25.35 -14.38
CA PRO B 152 26.78 24.64 -13.09
C PRO B 152 27.56 23.33 -13.14
N ASP B 153 27.29 22.41 -12.22
CA ASP B 153 27.99 21.13 -12.18
C ASP B 153 27.37 20.16 -13.18
N HIS B 154 27.19 20.62 -14.43
CA HIS B 154 26.67 19.76 -15.50
C HIS B 154 27.82 19.34 -16.42
N VAL B 155 28.64 18.43 -15.91
CA VAL B 155 29.86 18.03 -16.59
C VAL B 155 30.02 16.52 -16.50
N GLU B 156 30.26 15.87 -17.64
CA GLU B 156 30.58 14.46 -17.71
C GLU B 156 31.95 14.28 -18.35
N LEU B 157 32.82 13.51 -17.71
CA LEU B 157 34.17 13.32 -18.20
C LEU B 157 34.62 11.86 -18.00
N VAL B 166 38.57 4.15 -22.35
CA VAL B 166 39.43 3.48 -21.39
C VAL B 166 38.93 3.71 -19.96
N HIS B 167 38.52 2.64 -19.29
CA HIS B 167 37.95 2.72 -17.96
C HIS B 167 38.83 2.09 -16.88
N SER B 168 40.08 1.77 -17.21
CA SER B 168 41.01 1.18 -16.26
C SER B 168 42.04 2.20 -15.82
N GLY B 169 42.37 2.18 -14.52
CA GLY B 169 43.35 3.11 -13.97
C GLY B 169 42.91 4.55 -13.98
N VAL B 170 41.61 4.80 -13.75
CA VAL B 170 41.08 6.15 -13.74
C VAL B 170 40.43 6.42 -12.39
N CYS B 171 40.43 7.70 -11.99
CA CYS B 171 39.71 8.10 -10.78
C CYS B 171 39.37 9.58 -10.91
N THR B 172 38.12 9.87 -11.20
CA THR B 172 37.62 11.24 -11.24
C THR B 172 37.05 11.62 -9.88
N ASP B 173 37.13 12.89 -9.55
CA ASP B 173 36.62 13.36 -8.27
C ASP B 173 35.10 13.27 -8.23
N PRO B 174 34.52 12.58 -7.24
CA PRO B 174 33.06 12.50 -7.17
C PRO B 174 32.39 13.85 -6.92
N GLN B 175 33.05 14.76 -6.20
CA GLN B 175 32.49 16.07 -5.90
C GLN B 175 33.52 17.13 -6.24
N PRO B 176 33.23 18.04 -7.17
CA PRO B 176 34.19 19.09 -7.52
C PRO B 176 34.11 20.26 -6.55
N LEU B 177 35.10 21.15 -6.69
CA LEU B 177 35.18 22.32 -5.83
C LEU B 177 34.37 23.48 -6.39
N ALA B 182 34.55 30.13 -2.72
CA ALA B 182 33.59 30.18 -1.63
C ALA B 182 32.61 31.33 -1.81
N LEU B 183 32.09 31.48 -3.02
CA LEU B 183 31.13 32.53 -3.36
C LEU B 183 29.74 31.92 -3.52
N ASN B 184 28.74 32.80 -3.63
CA ASN B 184 27.35 32.34 -3.73
C ASN B 184 27.12 31.61 -5.04
N ASP B 185 27.62 32.13 -6.16
CA ASP B 185 27.53 31.47 -7.45
C ASP B 185 28.89 31.00 -7.95
N SER B 186 29.77 30.64 -7.01
CA SER B 186 31.13 30.27 -7.36
C SER B 186 31.16 29.09 -8.32
N ARG B 187 31.85 29.27 -9.45
CA ARG B 187 32.03 28.20 -10.40
C ARG B 187 32.95 27.13 -9.81
N TYR B 188 32.71 25.88 -10.22
CA TYR B 188 33.39 24.74 -9.63
C TYR B 188 34.61 24.34 -10.45
N ALA B 189 35.34 23.36 -9.93
CA ALA B 189 36.54 22.83 -10.58
C ALA B 189 36.68 21.36 -10.21
N LEU B 190 36.89 20.51 -11.21
CA LEU B 190 37.03 19.09 -11.02
C LEU B 190 38.38 18.61 -11.55
N SER B 191 38.84 17.48 -11.02
CA SER B 191 40.10 16.89 -11.42
C SER B 191 39.91 15.39 -11.63
N SER B 192 40.77 14.81 -12.47
CA SER B 192 40.74 13.39 -12.76
C SER B 192 42.15 12.84 -12.74
N ARG B 193 42.29 11.55 -12.98
CA ARG B 193 43.60 10.90 -13.00
C ARG B 193 43.66 9.80 -14.04
N CYS B 210 41.47 13.38 -22.89
CA CYS B 210 40.60 13.74 -21.77
C CYS B 210 39.33 14.44 -22.28
N GLN B 211 38.33 13.64 -22.61
CA GLN B 211 37.06 14.20 -23.07
C GLN B 211 36.25 14.71 -21.89
N VAL B 212 35.82 15.97 -21.97
CA VAL B 212 35.03 16.62 -20.93
C VAL B 212 33.82 17.23 -21.61
N GLN B 213 32.68 16.55 -21.56
CA GLN B 213 31.47 17.05 -22.19
C GLN B 213 30.69 17.91 -21.21
N PHE B 214 30.31 19.10 -21.66
CA PHE B 214 29.58 20.06 -20.84
C PHE B 214 28.15 20.22 -21.37
N TYR B 215 27.24 20.49 -20.46
CA TYR B 215 25.81 20.63 -20.77
C TYR B 215 25.41 22.07 -20.50
N GLY B 216 25.14 22.83 -21.57
CA GLY B 216 24.79 24.22 -21.44
C GLY B 216 23.47 24.59 -22.09
N LEU B 217 23.26 25.88 -22.31
CA LEU B 217 22.00 26.35 -22.88
C LEU B 217 21.81 25.84 -24.30
N SER B 218 20.56 25.60 -24.67
CA SER B 218 20.23 25.12 -26.00
C SER B 218 20.32 26.26 -27.01
N GLU B 219 20.15 25.90 -28.29
CA GLU B 219 20.25 26.90 -29.36
C GLU B 219 19.13 27.94 -29.25
N ASN B 220 17.90 27.50 -28.99
CA ASN B 220 16.77 28.41 -28.93
C ASN B 220 16.67 29.07 -27.56
N ASP B 221 16.00 30.22 -27.53
CA ASP B 221 15.73 30.98 -26.31
C ASP B 221 17.02 31.26 -25.54
N GLU B 222 17.90 32.03 -26.17
CA GLU B 222 19.20 32.27 -25.57
C GLU B 222 19.84 33.53 -26.14
N TRP B 223 20.58 34.20 -25.25
CA TRP B 223 21.67 35.12 -25.60
C TRP B 223 21.19 36.33 -26.41
N THR B 224 20.39 37.15 -25.74
CA THR B 224 20.31 38.56 -26.07
C THR B 224 21.24 39.41 -25.22
N GLN B 225 21.98 38.78 -24.29
CA GLN B 225 22.67 39.52 -23.23
C GLN B 225 24.06 40.00 -23.65
N ASP B 226 24.94 39.07 -24.01
CA ASP B 226 26.36 39.40 -24.13
C ASP B 226 26.92 38.73 -25.38
N ARG B 227 28.26 38.73 -25.47
CA ARG B 227 28.95 38.42 -26.73
C ARG B 227 29.27 36.94 -26.91
N ALA B 228 29.52 36.20 -25.84
CA ALA B 228 29.90 34.80 -25.95
C ALA B 228 28.75 33.90 -25.51
N LYS B 229 28.81 32.65 -25.95
CA LYS B 229 27.72 31.71 -25.69
C LYS B 229 28.24 30.35 -25.23
N PRO B 230 28.00 29.98 -23.97
CA PRO B 230 28.26 28.60 -23.53
C PRO B 230 27.08 27.70 -23.85
N VAL B 231 27.29 26.75 -24.76
CA VAL B 231 26.27 25.79 -25.14
C VAL B 231 26.82 24.39 -24.88
N THR B 232 25.95 23.40 -25.05
CA THR B 232 26.34 22.00 -24.86
C THR B 232 27.49 21.65 -25.79
N GLN B 233 28.67 21.40 -25.22
CA GLN B 233 29.87 21.19 -26.00
C GLN B 233 30.79 20.22 -25.27
N ILE B 234 31.76 19.69 -25.99
CA ILE B 234 32.76 18.78 -25.43
C ILE B 234 34.12 19.45 -25.62
N VAL B 235 34.78 19.78 -24.51
CA VAL B 235 36.09 20.42 -24.52
C VAL B 235 37.12 19.40 -24.07
N SER B 236 38.17 19.22 -24.86
CA SER B 236 39.20 18.23 -24.61
C SER B 236 40.55 18.91 -24.37
N ALA B 237 41.54 18.09 -24.06
CA ALA B 237 42.91 18.57 -23.85
C ALA B 237 43.86 17.46 -24.28
N GLU B 238 44.67 17.74 -25.31
CA GLU B 238 45.52 16.72 -25.92
C GLU B 238 46.85 16.63 -25.20
N ALA B 239 47.41 15.42 -25.17
CA ALA B 239 48.72 15.16 -24.58
C ALA B 239 49.28 13.84 -25.07
N GLY C 2 6.29 12.39 14.67
CA GLY C 2 5.87 11.84 13.40
C GLY C 2 6.55 10.53 13.07
N GLN C 3 6.48 10.14 11.79
CA GLN C 3 7.09 8.90 11.31
C GLN C 3 8.36 9.24 10.55
N ASN C 4 9.49 8.70 11.01
CA ASN C 4 10.77 8.97 10.37
C ASN C 4 11.59 7.68 10.32
N ILE C 5 12.62 7.70 9.50
CA ILE C 5 13.51 6.56 9.28
C ILE C 5 14.93 7.03 9.53
N ASP C 6 15.60 6.41 10.50
CA ASP C 6 16.96 6.80 10.88
C ASP C 6 17.94 5.75 10.42
N GLN C 7 18.90 6.16 9.60
CA GLN C 7 20.03 5.35 9.18
C GLN C 7 21.28 6.23 9.17
N PRO C 8 22.46 5.65 9.40
CA PRO C 8 23.68 6.46 9.49
C PRO C 8 23.94 7.24 8.20
N THR C 9 24.49 8.45 8.36
CA THR C 9 24.75 9.30 7.20
C THR C 9 25.90 8.74 6.36
N GLU C 10 26.95 8.27 7.02
CA GLU C 10 28.15 7.82 6.30
C GLU C 10 28.77 6.66 7.05
N MET C 11 29.33 5.71 6.30
CA MET C 11 30.06 4.59 6.88
C MET C 11 31.32 4.33 6.07
N THR C 12 32.36 3.88 6.75
CA THR C 12 33.65 3.63 6.10
C THR C 12 34.20 2.29 6.57
N ALA C 13 34.56 1.44 5.62
CA ALA C 13 35.12 0.13 5.94
C ALA C 13 36.16 -0.24 4.88
N THR C 14 37.12 -1.08 5.27
CA THR C 14 38.20 -1.44 4.38
C THR C 14 37.77 -2.53 3.41
N GLU C 15 38.52 -2.66 2.32
CA GLU C 15 38.23 -3.65 1.29
C GLU C 15 38.36 -5.05 1.85
N GLY C 16 37.45 -5.93 1.43
CA GLY C 16 37.48 -7.31 1.87
C GLY C 16 36.92 -7.57 3.25
N ALA C 17 36.41 -6.55 3.93
CA ALA C 17 35.88 -6.67 5.27
C ALA C 17 34.37 -6.76 5.23
N ILE C 18 33.74 -6.68 6.40
CA ILE C 18 32.29 -6.75 6.54
C ILE C 18 31.79 -5.43 7.09
N VAL C 19 30.62 -4.99 6.63
CA VAL C 19 29.97 -3.79 7.12
C VAL C 19 28.50 -4.10 7.36
N GLN C 20 27.91 -3.40 8.34
CA GLN C 20 26.52 -3.59 8.72
C GLN C 20 25.84 -2.23 8.77
N ILE C 21 24.98 -1.95 7.80
CA ILE C 21 24.30 -0.66 7.70
C ILE C 21 22.95 -0.80 8.40
N ASN C 22 22.84 -0.21 9.59
CA ASN C 22 21.62 -0.28 10.37
C ASN C 22 20.56 0.66 9.82
N CYS C 23 19.30 0.28 10.01
CA CYS C 23 18.17 1.15 9.68
C CYS C 23 17.07 0.90 10.71
N THR C 24 16.77 1.92 11.50
CA THR C 24 15.69 1.85 12.48
C THR C 24 14.56 2.79 12.05
N TYR C 25 13.32 2.33 12.21
CA TYR C 25 12.16 3.09 11.77
C TYR C 25 11.12 3.15 12.89
N GLN C 26 10.46 4.29 13.00
CA GLN C 26 9.36 4.49 13.94
C GLN C 26 8.14 4.94 13.14
N THR C 27 7.23 4.00 12.86
CA THR C 27 6.04 4.29 12.08
C THR C 27 4.83 3.64 12.74
N SER C 28 3.66 4.18 12.43
CA SER C 28 2.40 3.56 12.83
C SER C 28 2.05 2.51 11.78
N GLY C 29 2.25 1.24 12.14
CA GLY C 29 2.06 0.15 11.21
C GLY C 29 3.31 -0.16 10.40
N PHE C 30 3.27 -1.30 9.73
CA PHE C 30 4.41 -1.77 8.96
C PHE C 30 3.92 -2.69 7.85
N ASN C 31 4.41 -2.46 6.62
CA ASN C 31 4.01 -3.26 5.47
C ASN C 31 5.21 -3.68 4.62
N GLY C 32 6.41 -3.61 5.17
CA GLY C 32 7.61 -4.02 4.46
C GLY C 32 8.70 -2.96 4.49
N LEU C 33 9.95 -3.41 4.37
CA LEU C 33 11.11 -2.53 4.33
C LEU C 33 11.94 -2.85 3.10
N PHE C 34 12.26 -1.82 2.32
CA PHE C 34 13.06 -1.97 1.12
C PHE C 34 14.50 -1.53 1.36
N TRP C 35 15.43 -2.16 0.65
CA TRP C 35 16.81 -1.74 0.59
C TRP C 35 17.18 -1.47 -0.86
N TYR C 36 17.79 -0.32 -1.12
CA TYR C 36 18.18 0.09 -2.46
C TYR C 36 19.65 0.50 -2.46
N GLN C 37 20.36 0.13 -3.51
CA GLN C 37 21.72 0.59 -3.75
C GLN C 37 21.69 1.68 -4.82
N GLN C 38 22.35 2.80 -4.54
CA GLN C 38 22.38 3.92 -5.48
C GLN C 38 23.81 4.46 -5.53
N HIS C 39 24.47 4.27 -6.66
CA HIS C 39 25.75 4.93 -6.88
C HIS C 39 25.53 6.43 -7.12
N ALA C 40 26.60 7.19 -6.95
CA ALA C 40 26.51 8.64 -7.09
C ALA C 40 26.11 9.02 -8.51
N GLY C 41 25.00 9.76 -8.63
CA GLY C 41 24.51 10.20 -9.91
C GLY C 41 23.86 9.13 -10.75
N GLU C 42 23.73 7.91 -10.26
CA GLU C 42 23.14 6.80 -11.01
C GLU C 42 21.77 6.47 -10.44
N ALA C 43 21.04 5.63 -11.18
CA ALA C 43 19.69 5.27 -10.77
C ALA C 43 19.73 4.33 -9.57
N PRO C 44 18.81 4.49 -8.62
CA PRO C 44 18.71 3.54 -7.51
C PRO C 44 18.37 2.14 -8.01
N THR C 45 18.91 1.14 -7.33
CA THR C 45 18.75 -0.26 -7.72
C THR C 45 18.23 -1.07 -6.55
N PHE C 46 17.19 -1.87 -6.79
CA PHE C 46 16.60 -2.68 -5.74
C PHE C 46 17.57 -3.74 -5.24
N LEU C 47 17.60 -3.94 -3.92
CA LEU C 47 18.44 -4.95 -3.29
C LEU C 47 17.63 -6.04 -2.60
N SER C 48 16.71 -5.68 -1.71
CA SER C 48 15.99 -6.69 -0.96
C SER C 48 14.69 -6.09 -0.42
N TYR C 49 13.75 -6.98 -0.12
CA TYR C 49 12.47 -6.62 0.49
C TYR C 49 12.21 -7.55 1.66
N ASN C 50 12.06 -6.97 2.85
CA ASN C 50 11.83 -7.74 4.08
C ASN C 50 10.50 -7.31 4.70
N VAL C 51 9.64 -8.29 4.97
CA VAL C 51 8.38 -8.02 5.68
C VAL C 51 8.13 -8.97 6.85
N LEU C 52 8.84 -10.09 6.94
CA LEU C 52 8.74 -10.99 8.09
C LEU C 52 10.07 -11.04 8.81
N ASP C 53 10.02 -11.39 10.09
CA ASP C 53 11.24 -11.47 10.89
C ASP C 53 12.17 -12.54 10.32
N GLY C 54 13.47 -12.26 10.36
CA GLY C 54 14.46 -13.21 9.90
C GLY C 54 15.56 -12.58 9.07
N LEU C 55 16.50 -13.40 8.61
CA LEU C 55 17.64 -12.96 7.81
C LEU C 55 17.56 -13.58 6.43
N GLU C 56 17.64 -12.75 5.39
CA GLU C 56 17.62 -13.20 4.00
C GLU C 56 18.99 -12.97 3.39
N GLU C 57 19.58 -14.02 2.82
CA GLU C 57 20.89 -13.94 2.20
C GLU C 57 20.74 -14.05 0.70
N LYS C 58 21.21 -13.02 -0.03
CA LYS C 58 21.18 -12.98 -1.48
C LYS C 58 22.58 -12.60 -1.96
N GLY C 59 23.38 -13.61 -2.25
CA GLY C 59 24.75 -13.35 -2.67
C GLY C 59 25.59 -12.85 -1.51
N ARG C 60 26.39 -11.82 -1.77
CA ARG C 60 27.21 -11.21 -0.73
C ARG C 60 26.41 -10.31 0.20
N PHE C 61 25.14 -10.06 -0.10
CA PHE C 61 24.31 -9.15 0.68
C PHE C 61 23.32 -9.92 1.52
N SER C 62 23.16 -9.50 2.78
CA SER C 62 22.19 -10.08 3.69
C SER C 62 21.27 -8.99 4.20
N SER C 63 20.00 -9.33 4.40
CA SER C 63 18.99 -8.38 4.88
C SER C 63 18.25 -9.00 6.05
N PHE C 64 18.38 -8.39 7.22
CA PHE C 64 17.72 -8.84 8.43
C PHE C 64 16.63 -7.84 8.81
N LEU C 65 15.55 -8.36 9.38
CA LEU C 65 14.45 -7.54 9.86
C LEU C 65 14.01 -8.02 11.23
N SER C 66 13.68 -7.07 12.10
CA SER C 66 13.10 -7.35 13.42
C SER C 66 11.90 -6.42 13.59
N ARG C 67 10.70 -6.94 13.32
CA ARG C 67 9.51 -6.12 13.47
C ARG C 67 9.32 -5.67 14.91
N SER C 68 9.62 -6.55 15.87
CA SER C 68 9.47 -6.20 17.28
C SER C 68 10.29 -4.97 17.63
N LYS C 69 11.57 -4.96 17.26
CA LYS C 69 12.44 -3.83 17.54
C LYS C 69 12.29 -2.71 16.51
N GLY C 70 11.54 -2.94 15.44
CA GLY C 70 11.40 -1.95 14.38
C GLY C 70 12.74 -1.55 13.80
N TYR C 71 13.52 -2.55 13.37
CA TYR C 71 14.91 -2.34 13.03
C TYR C 71 15.34 -3.34 11.97
N SER C 72 16.26 -2.90 11.11
CA SER C 72 16.78 -3.74 10.04
C SER C 72 18.24 -3.38 9.82
N TYR C 73 18.98 -4.30 9.20
CA TYR C 73 20.35 -4.02 8.80
C TYR C 73 20.65 -4.73 7.49
N LEU C 74 21.43 -4.07 6.64
CA LEU C 74 21.93 -4.64 5.40
C LEU C 74 23.39 -5.04 5.61
N LEU C 75 23.69 -6.31 5.37
CA LEU C 75 25.01 -6.87 5.64
C LEU C 75 25.74 -7.10 4.33
N LEU C 76 26.91 -6.49 4.19
CA LEU C 76 27.76 -6.63 3.01
C LEU C 76 29.00 -7.41 3.41
N LYS C 77 29.16 -8.61 2.85
CA LYS C 77 30.31 -9.45 3.13
C LYS C 77 31.31 -9.38 2.00
N GLU C 78 32.59 -9.53 2.35
CA GLU C 78 33.70 -9.47 1.40
C GLU C 78 33.62 -8.18 0.56
N LEU C 79 33.74 -7.06 1.26
CA LEU C 79 33.54 -5.75 0.64
C LEU C 79 34.50 -5.54 -0.52
N GLN C 80 33.96 -5.02 -1.62
CA GLN C 80 34.73 -4.72 -2.81
C GLN C 80 34.67 -3.22 -3.07
N MET C 81 35.63 -2.73 -3.88
CA MET C 81 35.68 -1.31 -4.18
C MET C 81 34.44 -0.84 -4.90
N LYS C 82 33.83 -1.70 -5.72
CA LYS C 82 32.61 -1.32 -6.43
C LYS C 82 31.40 -1.19 -5.51
N ASP C 83 31.48 -1.68 -4.28
CA ASP C 83 30.40 -1.54 -3.33
C ASP C 83 30.25 -0.12 -2.79
N SER C 84 31.19 0.77 -3.12
CA SER C 84 31.11 2.17 -2.69
C SER C 84 29.91 2.84 -3.33
N ALA C 85 28.89 3.11 -2.54
CA ALA C 85 27.67 3.77 -3.01
C ALA C 85 26.85 4.17 -1.80
N SER C 86 25.71 4.80 -2.06
CA SER C 86 24.73 5.06 -1.01
C SER C 86 23.69 3.96 -1.00
N TYR C 87 23.17 3.68 0.20
CA TYR C 87 22.20 2.60 0.39
C TYR C 87 20.97 3.18 1.08
N LEU C 88 19.81 3.00 0.45
CA LEU C 88 18.59 3.66 0.87
C LEU C 88 17.68 2.68 1.62
N CYS C 89 17.07 3.16 2.68
CA CYS C 89 16.12 2.38 3.49
C CYS C 89 14.73 2.97 3.30
N ALA C 90 13.76 2.12 2.98
CA ALA C 90 12.38 2.55 2.75
C ALA C 90 11.42 1.65 3.51
N VAL C 91 10.53 2.27 4.29
CA VAL C 91 9.55 1.55 5.08
C VAL C 91 8.15 1.99 4.65
N MET C 92 7.22 1.04 4.60
CA MET C 92 5.83 1.31 4.25
C MET C 92 4.97 1.25 5.50
N ASP C 93 4.17 2.29 5.73
CA ASP C 93 3.40 2.40 6.95
C ASP C 93 2.01 1.78 6.77
N SER C 94 1.14 1.94 7.78
CA SER C 94 -0.18 1.35 7.74
C SER C 94 -1.07 1.97 6.66
N ASN C 95 -0.80 3.21 6.26
CA ASN C 95 -1.53 3.86 5.18
C ASN C 95 -0.86 3.63 3.83
N TYR C 96 0.01 2.63 3.73
CA TYR C 96 0.65 2.24 2.47
C TYR C 96 1.46 3.38 1.86
N GLN C 97 2.05 4.23 2.71
CA GLN C 97 2.89 5.32 2.26
C GLN C 97 4.35 4.90 2.37
N LEU C 98 5.09 5.04 1.27
CA LEU C 98 6.49 4.61 1.22
C LEU C 98 7.37 5.73 1.75
N ILE C 99 7.80 5.60 3.00
CA ILE C 99 8.72 6.56 3.60
C ILE C 99 10.14 6.21 3.17
N TRP C 100 10.89 7.21 2.70
CA TRP C 100 12.24 7.01 2.20
C TRP C 100 13.25 7.62 3.17
N GLY C 101 14.25 6.82 3.55
CA GLY C 101 15.31 7.32 4.39
C GLY C 101 16.33 8.15 3.61
N ALA C 102 17.11 8.94 4.35
CA ALA C 102 18.09 9.82 3.73
C ALA C 102 19.20 9.07 3.02
N GLY C 103 19.47 7.83 3.42
CA GLY C 103 20.51 7.04 2.79
C GLY C 103 21.78 6.98 3.63
N THR C 104 22.61 5.98 3.32
CA THR C 104 23.87 5.77 4.01
C THR C 104 24.98 5.68 2.96
N LYS C 105 25.90 6.64 2.98
CA LYS C 105 27.00 6.67 2.02
C LYS C 105 28.11 5.75 2.52
N LEU C 106 28.28 4.62 1.84
CA LEU C 106 29.34 3.67 2.20
C LEU C 106 30.61 4.01 1.43
N ILE C 107 31.73 4.05 2.16
CA ILE C 107 33.04 4.35 1.59
C ILE C 107 33.95 3.15 1.86
N ILE C 108 34.59 2.66 0.80
CA ILE C 108 35.45 1.49 0.89
C ILE C 108 36.90 1.94 0.81
N LYS C 109 37.68 1.60 1.82
CA LYS C 109 39.10 1.93 1.83
C LYS C 109 39.90 0.79 1.19
N PRO C 110 40.71 1.08 0.18
CA PRO C 110 41.44 0.00 -0.51
C PRO C 110 42.50 -0.62 0.37
N ASP C 111 42.71 -1.92 0.18
CA ASP C 111 43.78 -2.65 0.87
C ASP C 111 45.07 -2.42 0.09
N ILE C 112 46.02 -1.73 0.69
CA ILE C 112 47.31 -1.45 0.07
C ILE C 112 48.31 -2.45 0.62
N GLN C 113 48.89 -3.26 -0.28
CA GLN C 113 49.87 -4.25 0.16
C GLN C 113 51.19 -3.59 0.51
N ASN C 114 51.66 -2.68 -0.33
CA ASN C 114 52.93 -1.99 -0.11
C ASN C 114 52.89 -0.60 -0.71
N PRO C 115 52.82 0.45 0.11
CA PRO C 115 52.77 1.82 -0.42
C PRO C 115 54.15 2.45 -0.53
N ASP C 116 54.22 3.47 -1.39
CA ASP C 116 55.40 4.31 -1.53
C ASP C 116 54.95 5.77 -1.62
N PRO C 117 54.50 6.33 -0.51
CA PRO C 117 53.89 7.67 -0.56
C PRO C 117 54.91 8.75 -0.85
N ALA C 118 54.49 9.73 -1.65
CA ALA C 118 55.30 10.89 -1.99
C ALA C 118 54.40 11.94 -2.64
N VAL C 119 54.91 13.17 -2.69
CA VAL C 119 54.19 14.29 -3.29
C VAL C 119 54.92 14.66 -4.58
N TYR C 120 54.22 14.58 -5.70
CA TYR C 120 54.82 14.88 -7.00
C TYR C 120 54.28 16.19 -7.56
N SER C 131 50.93 24.46 -13.00
CA SER C 131 51.32 23.15 -12.51
C SER C 131 50.47 22.73 -11.31
N VAL C 132 50.43 21.43 -11.04
CA VAL C 132 49.67 20.88 -9.92
C VAL C 132 50.60 20.00 -9.09
N CYS C 133 50.22 19.81 -7.83
CA CYS C 133 50.91 18.90 -6.92
C CYS C 133 50.06 17.67 -6.72
N LEU C 134 50.67 16.49 -6.83
CA LEU C 134 49.95 15.22 -6.80
C LEU C 134 50.45 14.40 -5.61
N PHE C 135 49.60 14.25 -4.61
CA PHE C 135 49.85 13.35 -3.49
C PHE C 135 49.21 12.01 -3.81
N THR C 136 50.01 10.94 -3.76
CA THR C 136 49.54 9.64 -4.21
C THR C 136 50.30 8.52 -3.51
N ASP C 137 49.82 7.29 -3.72
CA ASP C 137 50.47 6.07 -3.26
C ASP C 137 50.65 6.03 -1.74
N PHE C 138 49.71 6.60 -1.00
CA PHE C 138 49.74 6.54 0.45
C PHE C 138 48.77 5.48 0.96
N ASP C 139 48.92 5.15 2.25
CA ASP C 139 48.07 4.13 2.85
C ASP C 139 46.66 4.66 3.05
N SER C 140 45.71 3.73 3.15
CA SER C 140 44.31 4.08 3.31
C SER C 140 43.98 4.63 4.70
N GLN C 141 44.89 4.50 5.66
CA GLN C 141 44.63 4.97 7.02
C GLN C 141 44.88 6.45 7.20
N THR C 142 45.56 7.10 6.25
CA THR C 142 45.90 8.51 6.37
C THR C 142 44.94 9.33 5.50
N ASN C 143 44.22 10.26 6.14
CA ASN C 143 43.30 11.14 5.44
C ASN C 143 43.96 12.48 5.14
N VAL C 144 43.32 13.25 4.27
CA VAL C 144 43.79 14.57 3.90
C VAL C 144 42.83 15.61 4.48
N SER C 145 43.38 16.75 4.88
CA SER C 145 42.57 17.85 5.37
C SER C 145 42.41 18.91 4.28
N GLN C 146 41.26 19.59 4.31
CA GLN C 146 40.88 20.49 3.24
C GLN C 146 41.82 21.69 3.16
N SER C 147 41.66 22.46 2.09
CA SER C 147 42.51 23.63 1.86
C SER C 147 42.31 24.66 2.97
N LYS C 148 43.39 25.35 3.32
CA LYS C 148 43.37 26.33 4.40
C LYS C 148 42.99 27.72 3.90
N ASP C 149 43.78 28.26 2.98
CA ASP C 149 43.51 29.59 2.43
C ASP C 149 42.37 29.54 1.43
N SER C 150 41.67 30.68 1.31
CA SER C 150 40.58 30.75 0.33
C SER C 150 41.10 30.72 -1.10
N ASP C 151 42.32 31.22 -1.33
CA ASP C 151 42.89 31.21 -2.67
C ASP C 151 43.41 29.83 -3.07
N VAL C 152 43.81 29.01 -2.11
CA VAL C 152 44.39 27.70 -2.41
C VAL C 152 43.27 26.68 -2.55
N TYR C 153 43.49 25.68 -3.40
CA TYR C 153 42.52 24.63 -3.66
C TYR C 153 43.17 23.27 -3.45
N ILE C 154 42.38 22.32 -2.95
CA ILE C 154 42.84 20.95 -2.74
C ILE C 154 41.64 20.02 -2.88
N THR C 155 41.91 18.82 -3.41
CA THR C 155 40.87 17.83 -3.66
C THR C 155 40.79 16.83 -2.52
N ASP C 156 39.96 15.80 -2.68
CA ASP C 156 39.80 14.74 -1.71
C ASP C 156 40.45 13.45 -2.24
N LYS C 157 40.38 12.40 -1.43
CA LYS C 157 41.01 11.13 -1.79
C LYS C 157 40.32 10.51 -3.00
N CYS C 158 41.12 9.83 -3.82
CA CYS C 158 40.63 9.14 -5.01
C CYS C 158 41.36 7.81 -5.13
N VAL C 159 40.65 6.79 -5.62
CA VAL C 159 41.15 5.43 -5.69
C VAL C 159 41.21 5.00 -7.14
N LEU C 160 42.41 4.73 -7.64
CA LEU C 160 42.62 4.25 -9.00
C LEU C 160 42.85 2.75 -8.99
N ASP C 161 42.23 2.06 -9.94
CA ASP C 161 42.35 0.60 -10.08
C ASP C 161 42.79 0.28 -11.49
N MET C 162 44.08 -0.03 -11.65
CA MET C 162 44.60 -0.56 -12.91
C MET C 162 44.30 -2.04 -12.93
N ARG C 163 43.23 -2.42 -13.64
CA ARG C 163 42.73 -3.79 -13.58
C ARG C 163 43.72 -4.79 -14.16
N SER C 164 44.38 -4.42 -15.26
CA SER C 164 45.33 -5.33 -15.90
C SER C 164 46.56 -5.59 -15.05
N MET C 165 46.91 -4.66 -14.16
CA MET C 165 48.11 -4.77 -13.33
C MET C 165 47.81 -5.20 -11.90
N ASP C 166 46.54 -5.40 -11.55
CA ASP C 166 46.14 -5.81 -10.21
C ASP C 166 46.73 -4.88 -9.15
N PHE C 167 46.48 -3.59 -9.33
CA PHE C 167 47.08 -2.57 -8.47
C PHE C 167 46.01 -1.54 -8.10
N LYS C 168 46.06 -1.09 -6.84
CA LYS C 168 45.17 -0.04 -6.35
C LYS C 168 46.01 0.99 -5.60
N SER C 169 45.66 2.27 -5.77
CA SER C 169 46.40 3.34 -5.12
C SER C 169 45.45 4.49 -4.81
N ASN C 170 45.78 5.25 -3.77
CA ASN C 170 45.09 6.47 -3.43
C ASN C 170 45.86 7.66 -3.98
N SER C 171 45.14 8.76 -4.23
CA SER C 171 45.77 9.93 -4.83
C SER C 171 44.89 11.15 -4.62
N ALA C 172 45.53 12.28 -4.33
CA ALA C 172 44.87 13.56 -4.21
C ALA C 172 45.64 14.61 -5.01
N VAL C 173 44.95 15.68 -5.39
CA VAL C 173 45.51 16.72 -6.24
C VAL C 173 45.26 18.07 -5.58
N ALA C 174 46.30 18.90 -5.48
CA ALA C 174 46.19 20.26 -4.99
C ALA C 174 46.84 21.20 -5.99
N TRP C 175 46.14 22.28 -6.34
CA TRP C 175 46.64 23.25 -7.32
C TRP C 175 46.14 24.64 -6.97
N SER C 176 47.02 25.62 -7.03
CA SER C 176 46.65 27.00 -6.75
C SER C 176 47.41 27.96 -7.65
N ASN C 188 50.56 19.30 1.95
CA ASN C 188 50.09 20.55 2.51
C ASN C 188 49.84 20.41 4.00
N ASN C 189 48.91 21.21 4.53
CA ASN C 189 48.50 21.09 5.92
C ASN C 189 47.63 19.85 6.09
N SER C 190 48.27 18.72 6.38
CA SER C 190 47.56 17.45 6.54
C SER C 190 48.51 16.46 7.21
N ILE C 191 47.96 15.33 7.62
CA ILE C 191 48.75 14.28 8.27
C ILE C 191 49.28 13.39 7.15
N ILE C 192 50.36 13.84 6.54
CA ILE C 192 51.06 13.05 5.53
C ILE C 192 52.10 12.20 6.25
N PRO C 193 52.25 10.93 5.88
CA PRO C 193 53.19 10.07 6.62
C PRO C 193 54.62 10.61 6.54
N GLU C 194 55.35 10.47 7.65
CA GLU C 194 56.72 10.96 7.71
C GLU C 194 57.64 10.25 6.71
N ASP C 195 57.22 9.10 6.20
CA ASP C 195 58.00 8.37 5.20
C ASP C 195 57.90 9.04 3.84
N MET D 1 -21.14 -19.80 -13.53
CA MET D 1 -22.26 -19.01 -13.02
C MET D 1 -23.05 -19.80 -11.98
N ILE D 2 -23.27 -19.19 -10.82
CA ILE D 2 -24.04 -19.80 -9.73
C ILE D 2 -25.06 -18.78 -9.25
N GLN D 3 -26.30 -19.22 -9.08
CA GLN D 3 -27.40 -18.36 -8.68
C GLN D 3 -28.02 -18.87 -7.38
N ARG D 4 -28.40 -17.94 -6.51
CA ARG D 4 -28.95 -18.26 -5.20
C ARG D 4 -30.29 -17.58 -5.02
N THR D 5 -31.30 -18.35 -4.63
CA THR D 5 -32.62 -17.80 -4.36
C THR D 5 -32.61 -17.05 -3.03
N PRO D 6 -33.17 -15.84 -2.97
CA PRO D 6 -33.18 -15.09 -1.71
C PRO D 6 -34.09 -15.74 -0.67
N LYS D 7 -33.80 -15.41 0.59
CA LYS D 7 -34.62 -15.84 1.73
C LYS D 7 -35.33 -14.62 2.29
N ILE D 8 -36.66 -14.60 2.17
CA ILE D 8 -37.48 -13.46 2.59
C ILE D 8 -38.07 -13.78 3.96
N GLN D 9 -37.87 -12.86 4.91
CA GLN D 9 -38.40 -13.01 6.27
C GLN D 9 -38.96 -11.67 6.72
N VAL D 10 -40.23 -11.67 7.10
CA VAL D 10 -40.94 -10.45 7.51
C VAL D 10 -41.23 -10.53 9.00
N TYR D 11 -41.01 -9.43 9.71
CA TYR D 11 -41.17 -9.38 11.16
C TYR D 11 -41.17 -7.92 11.59
N SER D 12 -41.61 -7.69 12.83
CA SER D 12 -41.64 -6.37 13.41
C SER D 12 -40.45 -6.18 14.35
N ARG D 13 -40.02 -4.93 14.50
CA ARG D 13 -38.90 -4.62 15.38
C ARG D 13 -39.22 -5.00 16.82
N HIS D 14 -40.40 -4.63 17.29
CA HIS D 14 -40.87 -4.94 18.63
C HIS D 14 -42.09 -5.85 18.54
N PRO D 15 -42.42 -6.55 19.62
CA PRO D 15 -43.65 -7.36 19.62
C PRO D 15 -44.86 -6.53 19.23
N ALA D 16 -45.67 -7.07 18.32
CA ALA D 16 -46.74 -6.31 17.71
C ALA D 16 -47.87 -6.07 18.70
N GLU D 17 -48.31 -4.81 18.80
CA GLU D 17 -49.48 -4.45 19.58
C GLU D 17 -50.29 -3.43 18.78
N ASN D 18 -51.57 -3.72 18.57
CA ASN D 18 -52.39 -2.87 17.71
C ASN D 18 -52.63 -1.52 18.37
N GLY D 19 -52.36 -0.46 17.62
CA GLY D 19 -52.47 0.90 18.11
C GLY D 19 -51.16 1.51 18.55
N LYS D 20 -50.12 0.71 18.75
CA LYS D 20 -48.80 1.19 19.15
C LYS D 20 -47.88 1.17 17.95
N SER D 21 -47.11 2.26 17.78
CA SER D 21 -46.21 2.36 16.64
C SER D 21 -45.13 1.28 16.71
N ASN D 22 -44.62 0.91 15.53
CA ASN D 22 -43.62 -0.13 15.42
C ASN D 22 -42.89 0.07 14.09
N PHE D 23 -42.05 -0.90 13.73
CA PHE D 23 -41.34 -0.91 12.45
C PHE D 23 -41.53 -2.27 11.80
N LEU D 24 -41.92 -2.26 10.54
CA LEU D 24 -42.09 -3.50 9.77
C LEU D 24 -40.81 -3.79 9.01
N ASN D 25 -40.21 -4.95 9.26
CA ASN D 25 -38.95 -5.34 8.65
C ASN D 25 -39.17 -6.45 7.62
N CYS D 26 -38.36 -6.42 6.57
CA CYS D 26 -38.28 -7.49 5.58
C CYS D 26 -36.81 -7.75 5.32
N TYR D 27 -36.32 -8.91 5.79
CA TYR D 27 -34.90 -9.25 5.73
C TYR D 27 -34.68 -10.23 4.59
N VAL D 28 -34.16 -9.72 3.48
CA VAL D 28 -33.87 -10.51 2.29
C VAL D 28 -32.39 -10.87 2.32
N SER D 29 -32.08 -12.16 2.32
CA SER D 29 -30.71 -12.61 2.55
C SER D 29 -30.38 -13.81 1.68
N GLY D 30 -29.08 -14.00 1.46
CA GLY D 30 -28.59 -15.21 0.83
C GLY D 30 -28.81 -15.31 -0.67
N PHE D 31 -28.93 -14.20 -1.37
CA PHE D 31 -29.18 -14.23 -2.80
C PHE D 31 -27.91 -13.87 -3.59
N HIS D 32 -27.89 -14.29 -4.84
CA HIS D 32 -26.79 -14.05 -5.77
C HIS D 32 -27.32 -14.20 -7.19
N PRO D 33 -27.11 -13.23 -8.09
CA PRO D 33 -26.32 -11.99 -7.97
C PRO D 33 -26.90 -10.91 -7.07
N SER D 34 -26.32 -9.70 -7.16
CA SER D 34 -26.57 -8.67 -6.16
C SER D 34 -27.80 -7.84 -6.47
N ASP D 35 -28.12 -7.62 -7.74
CA ASP D 35 -29.26 -6.78 -8.08
C ASP D 35 -30.56 -7.47 -7.69
N ILE D 36 -31.44 -6.73 -7.01
CA ILE D 36 -32.69 -7.29 -6.50
C ILE D 36 -33.68 -6.16 -6.34
N GLU D 37 -34.97 -6.50 -6.33
CA GLU D 37 -36.04 -5.53 -6.16
C GLU D 37 -36.91 -5.96 -4.98
N VAL D 38 -37.04 -5.09 -3.99
CA VAL D 38 -37.79 -5.36 -2.77
C VAL D 38 -38.78 -4.24 -2.53
N ASP D 39 -40.01 -4.59 -2.16
CA ASP D 39 -41.05 -3.63 -1.85
C ASP D 39 -41.91 -4.14 -0.70
N LEU D 40 -42.35 -3.23 0.15
CA LEU D 40 -43.27 -3.55 1.24
C LEU D 40 -44.68 -3.14 0.87
N LEU D 41 -45.65 -3.99 1.20
CA LEU D 41 -47.03 -3.82 0.79
C LEU D 41 -47.92 -3.58 1.99
N LYS D 42 -48.87 -2.65 1.85
CA LYS D 42 -49.92 -2.40 2.83
C LYS D 42 -51.25 -2.74 2.18
N ASN D 43 -51.87 -3.84 2.63
CA ASN D 43 -53.11 -4.34 2.04
C ASN D 43 -52.95 -4.60 0.55
N GLY D 44 -51.78 -5.12 0.16
CA GLY D 44 -51.51 -5.40 -1.23
C GLY D 44 -51.11 -4.20 -2.07
N GLU D 45 -50.83 -3.06 -1.45
CA GLU D 45 -50.47 -1.84 -2.16
C GLU D 45 -49.06 -1.41 -1.79
N ARG D 46 -48.30 -0.96 -2.79
CA ARG D 46 -46.92 -0.57 -2.57
C ARG D 46 -46.83 0.65 -1.65
N ILE D 47 -45.85 0.64 -0.76
CA ILE D 47 -45.60 1.73 0.18
C ILE D 47 -44.44 2.57 -0.35
N GLU D 48 -44.68 3.87 -0.55
CA GLU D 48 -43.65 4.73 -1.12
C GLU D 48 -42.49 4.93 -0.15
N LYS D 49 -42.80 5.29 1.10
CA LYS D 49 -41.78 5.65 2.09
C LYS D 49 -41.24 4.39 2.76
N VAL D 50 -40.44 3.64 1.98
CA VAL D 50 -39.76 2.47 2.49
C VAL D 50 -38.26 2.75 2.48
N GLU D 51 -37.57 2.19 3.47
CA GLU D 51 -36.15 2.41 3.65
C GLU D 51 -35.43 1.09 3.74
N HIS D 52 -34.17 1.07 3.30
CA HIS D 52 -33.39 -0.16 3.32
C HIS D 52 -31.94 0.17 3.61
N SER D 53 -31.25 -0.77 4.24
CA SER D 53 -29.81 -0.64 4.46
C SER D 53 -29.08 -0.82 3.13
N ASP D 54 -27.78 -0.54 3.15
CA ASP D 54 -26.98 -0.74 1.97
C ASP D 54 -26.71 -2.22 1.73
N LEU D 55 -26.30 -2.54 0.51
CA LEU D 55 -26.03 -3.92 0.15
C LEU D 55 -24.91 -4.49 1.01
N SER D 56 -25.23 -5.53 1.77
CA SER D 56 -24.27 -6.16 2.68
C SER D 56 -23.78 -7.48 2.10
N PHE D 57 -22.62 -7.91 2.60
CA PHE D 57 -21.93 -9.08 2.06
C PHE D 57 -21.78 -10.14 3.15
N SER D 58 -21.99 -11.39 2.76
CA SER D 58 -21.81 -12.54 3.64
C SER D 58 -20.56 -13.30 3.24
N LYS D 59 -20.04 -14.10 4.18
CA LYS D 59 -18.81 -14.85 3.93
C LYS D 59 -18.98 -15.89 2.83
N ASP D 60 -20.20 -16.35 2.58
CA ASP D 60 -20.49 -17.30 1.51
C ASP D 60 -20.76 -16.60 0.18
N TRP D 61 -20.30 -15.36 0.01
CA TRP D 61 -20.35 -14.54 -1.19
C TRP D 61 -21.76 -14.07 -1.54
N SER D 62 -22.77 -14.39 -0.73
CA SER D 62 -24.12 -13.91 -0.97
C SER D 62 -24.29 -12.51 -0.40
N PHE D 63 -25.49 -11.96 -0.56
CA PHE D 63 -25.79 -10.60 -0.13
C PHE D 63 -27.08 -10.58 0.69
N TYR D 64 -27.25 -9.52 1.47
CA TYR D 64 -28.45 -9.40 2.27
C TYR D 64 -28.78 -7.92 2.51
N LEU D 65 -30.08 -7.64 2.60
CA LEU D 65 -30.60 -6.31 2.79
C LEU D 65 -31.67 -6.33 3.88
N LEU D 66 -31.92 -5.17 4.46
CA LEU D 66 -32.95 -5.00 5.49
C LEU D 66 -33.86 -3.84 5.08
N TYR D 67 -35.02 -4.17 4.50
CA TYR D 67 -36.01 -3.16 4.16
C TYR D 67 -36.96 -2.96 5.33
N TYR D 68 -37.29 -1.71 5.62
CA TYR D 68 -38.14 -1.40 6.76
C TYR D 68 -38.90 -0.11 6.52
N THR D 69 -40.00 0.04 7.26
CA THR D 69 -40.78 1.27 7.26
C THR D 69 -41.52 1.37 8.58
N GLU D 70 -41.82 2.60 8.99
CA GLU D 70 -42.56 2.82 10.23
C GLU D 70 -44.04 2.63 9.98
N PHE D 71 -44.71 1.95 10.91
CA PHE D 71 -46.12 1.64 10.75
C PHE D 71 -46.75 1.38 12.10
N THR D 72 -48.07 1.48 12.16
CA THR D 72 -48.85 1.14 13.35
C THR D 72 -49.78 -0.02 13.01
N PRO D 73 -49.56 -1.21 13.58
CA PRO D 73 -50.38 -2.36 13.20
C PRO D 73 -51.81 -2.24 13.73
N THR D 74 -52.73 -2.87 13.02
CA THR D 74 -54.13 -2.96 13.40
C THR D 74 -54.58 -4.42 13.32
N GLU D 75 -55.79 -4.67 13.81
CA GLU D 75 -56.33 -6.03 13.78
C GLU D 75 -56.83 -6.44 12.41
N LYS D 76 -57.01 -5.50 11.49
CA LYS D 76 -57.52 -5.77 10.15
C LYS D 76 -56.47 -5.72 9.06
N ASP D 77 -55.52 -4.78 9.17
CA ASP D 77 -54.53 -4.61 8.11
C ASP D 77 -53.54 -5.78 8.08
N GLU D 78 -53.10 -6.10 6.86
CA GLU D 78 -52.07 -7.11 6.63
C GLU D 78 -50.96 -6.50 5.79
N TYR D 79 -49.72 -6.82 6.14
CA TYR D 79 -48.55 -6.33 5.43
C TYR D 79 -47.76 -7.51 4.87
N ALA D 80 -47.01 -7.24 3.80
CA ALA D 80 -46.25 -8.30 3.13
C ALA D 80 -45.08 -7.68 2.40
N CYS D 81 -44.16 -8.55 1.96
CA CYS D 81 -42.95 -8.13 1.28
C CYS D 81 -42.94 -8.73 -0.13
N ARG D 82 -42.63 -7.90 -1.12
CA ARG D 82 -42.59 -8.31 -2.52
C ARG D 82 -41.16 -8.26 -3.02
N VAL D 83 -40.65 -9.40 -3.47
CA VAL D 83 -39.26 -9.53 -3.89
C VAL D 83 -39.22 -10.19 -5.26
N ASN D 84 -38.44 -9.63 -6.18
CA ASN D 84 -38.17 -10.24 -7.47
C ASN D 84 -36.66 -10.40 -7.65
N HIS D 85 -36.26 -11.49 -8.28
CA HIS D 85 -34.84 -11.81 -8.44
C HIS D 85 -34.70 -12.67 -9.69
N VAL D 86 -33.46 -12.76 -10.17
CA VAL D 86 -33.19 -13.56 -11.38
C VAL D 86 -33.58 -15.01 -11.15
N THR D 87 -33.44 -15.50 -9.92
CA THR D 87 -33.77 -16.89 -9.60
C THR D 87 -35.27 -17.13 -9.45
N LEU D 88 -36.08 -16.08 -9.46
CA LEU D 88 -37.53 -16.19 -9.30
C LEU D 88 -38.20 -15.97 -10.64
N SER D 89 -39.01 -16.93 -11.08
CA SER D 89 -39.77 -16.75 -12.31
C SER D 89 -40.76 -15.61 -12.18
N GLN D 90 -41.57 -15.63 -11.13
CA GLN D 90 -42.50 -14.57 -10.81
C GLN D 90 -42.21 -14.03 -9.42
N PRO D 91 -42.49 -12.74 -9.17
CA PRO D 91 -42.21 -12.18 -7.84
C PRO D 91 -42.96 -12.93 -6.75
N LYS D 92 -42.31 -13.06 -5.60
CA LYS D 92 -42.85 -13.83 -4.48
C LYS D 92 -43.33 -12.89 -3.38
N ILE D 93 -44.49 -13.21 -2.82
CA ILE D 93 -45.08 -12.45 -1.72
C ILE D 93 -44.97 -13.29 -0.45
N VAL D 94 -44.36 -12.71 0.58
CA VAL D 94 -44.26 -13.34 1.89
C VAL D 94 -45.04 -12.49 2.86
N LYS D 95 -46.20 -12.99 3.29
CA LYS D 95 -47.06 -12.22 4.18
C LYS D 95 -46.48 -12.20 5.60
N TRP D 96 -46.64 -11.07 6.27
CA TRP D 96 -46.20 -10.93 7.65
C TRP D 96 -46.99 -11.87 8.56
N ASP D 97 -46.32 -12.87 9.12
CA ASP D 97 -46.96 -13.84 10.00
C ASP D 97 -47.27 -13.15 11.33
N ARG D 98 -48.52 -12.69 11.48
CA ARG D 98 -48.91 -11.98 12.69
C ARG D 98 -48.77 -12.88 13.92
N ASP D 99 -49.16 -14.15 13.80
CA ASP D 99 -49.04 -15.14 14.88
C ASP D 99 -49.74 -14.67 16.15
#